data_5K5D
#
_entry.id   5K5D
#
_cell.length_a   71.030
_cell.length_b   98.700
_cell.length_c   307.200
_cell.angle_alpha   90.000
_cell.angle_beta   90.000
_cell.angle_gamma   90.000
#
_symmetry.space_group_name_H-M   'C 2 2 21'
#
loop_
_entity.id
_entity.type
_entity.pdbx_description
1 polymer 'ParB domain protein nuclease'
2 non-polymer 'CITRIC ACID'
3 water water
#
_entity_poly.entity_id   1
_entity_poly.type   'polypeptide(L)'
_entity_poly.pdbx_seq_one_letter_code
;GSH(MSE)TELTYTEEVVSIEKLKEDDEFKT(MSE)VPSNNSREDLEKSLREKSQIFPLIADRNYVLIDGYTRLDI
(MSE)KKLGFKEVKILKYDFDSQQERDKAYELIWTFNGVRRQLDKNERLALFQKIADRIAK(MSE)QASKNKTEESKIVS
HATQFSATESKQIEENEEFVTLDDGTTISALEYERILKELDKENKALSESDKRK(MSE)AILRINTPWLLKYVTDQKYKV
PLDQAFRIYTRVKD(MSE)GILDKLKDLAPALRDPLITTREGRKIILNDEYRDL(MSE)EKIISKQYTTERAISVKQKEA
LKRGGKVKKSSK
;
_entity_poly.pdbx_strand_id   B,A,C
#
loop_
_chem_comp.id
_chem_comp.type
_chem_comp.name
_chem_comp.formula
CIT non-polymer 'CITRIC ACID' 'C6 H8 O7'
#
# COMPACT_ATOMS: atom_id res chain seq x y z
N MSE A 4 -9.99 24.62 -28.12
CA MSE A 4 -10.70 23.73 -27.20
C MSE A 4 -11.99 23.18 -27.82
O MSE A 4 -12.72 23.91 -28.48
CB MSE A 4 -11.04 24.47 -25.90
CG MSE A 4 -11.73 23.60 -24.86
SE MSE A 4 -13.21 24.51 -23.97
CE MSE A 4 -14.40 24.73 -25.50
N THR A 5 -12.24 21.90 -27.60
CA THR A 5 -13.45 21.27 -28.14
C THR A 5 -14.68 21.66 -27.30
N GLU A 6 -15.77 21.96 -27.99
CA GLU A 6 -17.00 22.38 -27.33
C GLU A 6 -17.69 21.20 -26.66
N LEU A 7 -18.21 21.44 -25.46
CA LEU A 7 -18.90 20.40 -24.70
C LEU A 7 -20.27 20.09 -25.30
N THR A 8 -20.51 18.82 -25.59
CA THR A 8 -21.76 18.37 -26.19
C THR A 8 -22.53 17.48 -25.22
N TYR A 9 -23.84 17.63 -25.17
CA TYR A 9 -24.66 16.82 -24.28
C TYR A 9 -26.07 16.59 -24.81
N THR A 10 -26.70 15.54 -24.28
CA THR A 10 -28.09 15.27 -24.55
C THR A 10 -28.78 15.11 -23.21
N GLU A 11 -29.99 15.64 -23.11
CA GLU A 11 -30.76 15.50 -21.88
C GLU A 11 -31.53 14.19 -21.91
N GLU A 12 -31.66 13.56 -20.75
CA GLU A 12 -32.44 12.33 -20.63
C GLU A 12 -32.80 11.97 -19.19
N VAL A 13 -33.61 10.94 -19.04
CA VAL A 13 -34.09 10.51 -17.73
C VAL A 13 -33.66 9.08 -17.47
N VAL A 14 -33.01 8.85 -16.33
CA VAL A 14 -32.52 7.53 -15.98
C VAL A 14 -32.94 7.15 -14.58
N SER A 15 -32.89 5.85 -14.29
CA SER A 15 -33.14 5.38 -12.93
C SER A 15 -32.08 5.96 -12.01
N ILE A 16 -32.54 6.52 -10.89
CA ILE A 16 -31.67 7.28 -10.00
C ILE A 16 -30.45 6.50 -9.53
N GLU A 17 -30.56 5.17 -9.51
CA GLU A 17 -29.48 4.32 -9.01
C GLU A 17 -28.39 4.04 -10.05
N LYS A 18 -28.64 4.41 -11.30
CA LYS A 18 -27.66 4.24 -12.37
C LYS A 18 -26.45 5.16 -12.27
N LEU A 19 -26.62 6.31 -11.63
CA LEU A 19 -25.57 7.32 -11.56
C LEU A 19 -24.42 6.83 -10.69
N LYS A 20 -23.22 6.77 -11.28
CA LYS A 20 -22.02 6.33 -10.57
C LYS A 20 -21.33 7.57 -10.00
N GLU A 21 -20.87 7.48 -8.76
CA GLU A 21 -20.28 8.65 -8.15
C GLU A 21 -18.75 8.60 -8.10
N ASP A 22 -18.13 9.78 -8.27
CA ASP A 22 -16.68 9.91 -8.21
C ASP A 22 -16.29 10.65 -6.93
N ASP A 23 -15.38 10.06 -6.17
CA ASP A 23 -14.99 10.61 -4.87
C ASP A 23 -14.47 12.03 -4.97
N GLU A 24 -13.66 12.30 -5.98
CA GLU A 24 -13.12 13.63 -6.17
C GLU A 24 -14.22 14.64 -6.52
N PHE A 25 -15.00 14.35 -7.55
CA PHE A 25 -16.08 15.26 -7.94
C PHE A 25 -17.07 15.48 -6.80
N LYS A 26 -17.23 14.44 -5.97
CA LYS A 26 -18.14 14.51 -4.83
C LYS A 26 -17.65 15.52 -3.79
N THR A 27 -16.33 15.70 -3.71
CA THR A 27 -15.73 16.54 -2.67
C THR A 27 -15.25 17.90 -3.18
N MSE A 28 -15.47 18.19 -4.46
CA MSE A 28 -15.03 19.45 -5.06
C MSE A 28 -15.62 20.64 -4.36
O MSE A 28 -14.93 21.36 -3.63
CB MSE A 28 -15.39 19.49 -6.53
CG MSE A 28 -14.46 18.73 -7.45
SE MSE A 28 -12.68 19.51 -7.53
CE MSE A 28 -11.95 18.79 -5.87
N VAL A 29 -16.91 20.90 -4.60
CA VAL A 29 -17.58 22.05 -4.01
C VAL A 29 -17.51 21.94 -2.48
N PRO A 30 -17.00 22.99 -1.83
CA PRO A 30 -16.77 22.98 -0.37
C PRO A 30 -18.09 22.76 0.40
N SER A 31 -18.05 22.01 1.50
CA SER A 31 -19.26 21.78 2.29
C SER A 31 -19.98 23.08 2.60
N ASN A 32 -21.26 23.13 2.24
CA ASN A 32 -22.07 24.30 2.55
C ASN A 32 -23.45 23.94 3.12
N ASN A 33 -24.14 24.94 3.66
CA ASN A 33 -25.45 24.72 4.28
C ASN A 33 -26.62 24.95 3.35
N SER A 34 -26.34 25.05 2.05
CA SER A 34 -27.38 25.29 1.05
C SER A 34 -28.13 24.01 0.74
N ARG A 35 -27.69 22.91 1.34
CA ARG A 35 -28.32 21.61 1.12
C ARG A 35 -29.72 21.58 1.73
N GLU A 36 -29.98 22.45 2.69
CA GLU A 36 -31.29 22.52 3.33
C GLU A 36 -32.28 23.24 2.42
N ASP A 37 -31.78 24.13 1.58
CA ASP A 37 -32.61 24.93 0.70
C ASP A 37 -33.05 24.15 -0.52
N LEU A 38 -32.13 23.38 -1.09
CA LEU A 38 -32.43 22.52 -2.23
C LEU A 38 -33.45 21.46 -1.84
N GLU A 39 -33.32 20.95 -0.61
CA GLU A 39 -34.25 19.95 -0.09
C GLU A 39 -35.68 20.45 -0.09
N LYS A 40 -35.87 21.74 0.14
CA LYS A 40 -37.20 22.33 0.17
C LYS A 40 -37.84 22.33 -1.22
N SER A 41 -37.20 23.01 -2.17
CA SER A 41 -37.73 23.12 -3.52
C SER A 41 -37.90 21.75 -4.19
N LEU A 42 -37.18 20.75 -3.70
CA LEU A 42 -37.35 19.39 -4.21
C LEU A 42 -38.65 18.77 -3.72
N ARG A 43 -38.97 19.00 -2.44
CA ARG A 43 -40.21 18.49 -1.87
C ARG A 43 -41.42 19.14 -2.49
N GLU A 44 -41.32 20.43 -2.78
CA GLU A 44 -42.46 21.22 -3.26
C GLU A 44 -42.57 21.25 -4.77
N LYS A 45 -41.43 21.33 -5.44
CA LYS A 45 -41.42 21.55 -6.89
C LYS A 45 -40.81 20.38 -7.66
N SER A 46 -40.35 19.36 -6.92
CA SER A 46 -39.79 18.16 -7.54
C SER A 46 -38.51 18.49 -8.31
N GLN A 47 -38.19 17.65 -9.28
CA GLN A 47 -36.97 17.77 -10.09
C GLN A 47 -37.06 18.91 -11.11
N ILE A 48 -36.46 20.06 -10.79
CA ILE A 48 -36.47 21.18 -11.73
C ILE A 48 -35.25 21.18 -12.64
N PHE A 49 -34.07 21.34 -12.03
CA PHE A 49 -32.82 21.37 -12.77
C PHE A 49 -32.21 19.98 -12.88
N PRO A 50 -31.69 19.64 -14.07
CA PRO A 50 -31.10 18.33 -14.33
C PRO A 50 -29.75 18.18 -13.65
N LEU A 51 -29.29 16.95 -13.48
CA LEU A 51 -27.96 16.71 -12.91
C LEU A 51 -26.95 16.64 -14.04
N ILE A 52 -25.67 16.55 -13.69
CA ILE A 52 -24.62 16.57 -14.69
C ILE A 52 -23.78 15.31 -14.64
N ALA A 53 -23.85 14.50 -15.69
CA ALA A 53 -23.09 13.27 -15.75
C ALA A 53 -22.26 13.16 -17.03
N ASP A 54 -21.28 12.27 -17.01
CA ASP A 54 -20.45 12.02 -18.18
C ASP A 54 -20.98 10.86 -19.01
N ARG A 55 -20.33 10.59 -20.13
CA ARG A 55 -20.73 9.56 -21.07
C ARG A 55 -21.09 8.21 -20.43
N ASN A 56 -20.45 7.87 -19.32
CA ASN A 56 -20.68 6.58 -18.68
C ASN A 56 -21.51 6.69 -17.40
N TYR A 57 -22.17 7.83 -17.24
CA TYR A 57 -23.05 8.07 -16.11
C TYR A 57 -22.32 8.27 -14.79
N VAL A 58 -21.09 8.81 -14.88
CA VAL A 58 -20.40 9.30 -13.70
C VAL A 58 -20.99 10.68 -13.37
N LEU A 59 -21.42 10.86 -12.12
CA LEU A 59 -21.99 12.13 -11.68
C LEU A 59 -20.92 13.19 -11.59
N ILE A 60 -21.03 14.22 -12.40
CA ILE A 60 -20.06 15.32 -12.37
C ILE A 60 -20.50 16.42 -11.41
N ASP A 61 -21.79 16.74 -11.43
CA ASP A 61 -22.32 17.74 -10.52
C ASP A 61 -23.75 17.40 -10.10
N GLY A 62 -24.09 17.73 -8.86
CA GLY A 62 -25.43 17.49 -8.34
C GLY A 62 -25.47 16.48 -7.22
N TYR A 63 -24.32 16.21 -6.61
CA TYR A 63 -24.21 15.18 -5.58
C TYR A 63 -25.20 15.36 -4.44
N THR A 64 -25.28 16.57 -3.90
CA THR A 64 -26.19 16.83 -2.80
C THR A 64 -27.63 16.58 -3.23
N ARG A 65 -28.04 17.20 -4.33
CA ARG A 65 -29.38 17.01 -4.87
C ARG A 65 -29.74 15.55 -5.06
N LEU A 66 -28.79 14.77 -5.59
CA LEU A 66 -29.02 13.36 -5.81
C LEU A 66 -29.35 12.66 -4.50
N ASP A 67 -28.57 12.96 -3.46
CA ASP A 67 -28.78 12.39 -2.14
C ASP A 67 -30.18 12.72 -1.62
N ILE A 68 -30.55 14.00 -1.71
CA ILE A 68 -31.87 14.46 -1.27
C ILE A 68 -33.01 13.73 -1.97
N MSE A 69 -32.92 13.61 -3.28
CA MSE A 69 -33.94 12.90 -4.06
C MSE A 69 -33.94 11.43 -3.72
O MSE A 69 -34.96 10.75 -3.81
CB MSE A 69 -33.67 13.06 -5.57
CG MSE A 69 -33.82 14.46 -6.10
SE MSE A 69 -33.45 14.55 -8.02
CE MSE A 69 -31.58 13.98 -7.97
N LYS A 70 -32.78 10.92 -3.32
CA LYS A 70 -32.64 9.51 -3.00
C LYS A 70 -33.37 9.24 -1.69
N LYS A 71 -33.19 10.14 -0.72
CA LYS A 71 -33.88 10.03 0.56
C LYS A 71 -35.37 10.34 0.41
N LEU A 72 -35.70 11.18 -0.57
CA LEU A 72 -37.09 11.58 -0.79
C LEU A 72 -37.85 10.50 -1.56
N GLY A 73 -37.17 9.42 -1.89
CA GLY A 73 -37.79 8.29 -2.57
C GLY A 73 -37.95 8.46 -4.07
N PHE A 74 -37.07 9.23 -4.70
CA PHE A 74 -37.11 9.40 -6.15
C PHE A 74 -36.65 8.12 -6.81
N LYS A 75 -37.30 7.75 -7.92
CA LYS A 75 -36.92 6.55 -8.64
C LYS A 75 -36.25 6.88 -9.97
N GLU A 76 -36.50 8.09 -10.46
CA GLU A 76 -35.90 8.56 -11.70
C GLU A 76 -35.25 9.92 -11.46
N VAL A 77 -34.38 10.32 -12.38
CA VAL A 77 -33.70 11.62 -12.27
C VAL A 77 -33.35 12.19 -13.63
N LYS A 78 -33.67 13.45 -13.83
CA LYS A 78 -33.30 14.16 -15.05
C LYS A 78 -31.80 14.46 -15.02
N ILE A 79 -31.10 14.04 -16.08
CA ILE A 79 -29.68 14.39 -16.19
C ILE A 79 -29.36 14.99 -17.55
N LEU A 80 -28.22 15.65 -17.63
CA LEU A 80 -27.63 16.01 -18.92
C LEU A 80 -26.41 15.11 -19.10
N LYS A 81 -26.40 14.34 -20.17
CA LYS A 81 -25.33 13.39 -20.41
C LYS A 81 -24.34 13.92 -21.43
N TYR A 82 -23.18 14.33 -20.94
CA TYR A 82 -22.13 14.89 -21.80
C TYR A 82 -21.34 13.80 -22.50
N ASP A 83 -21.01 14.05 -23.77
CA ASP A 83 -20.31 13.08 -24.58
C ASP A 83 -18.80 13.16 -24.37
N PHE A 84 -18.36 12.73 -23.19
CA PHE A 84 -16.94 12.62 -22.91
C PHE A 84 -16.73 11.71 -21.71
N ASP A 85 -15.52 11.20 -21.56
CA ASP A 85 -15.19 10.34 -20.41
C ASP A 85 -14.45 11.15 -19.37
N SER A 86 -15.06 11.31 -18.19
CA SER A 86 -14.46 12.13 -17.14
C SER A 86 -13.23 11.47 -16.53
N GLN A 87 -13.16 10.15 -16.66
CA GLN A 87 -12.02 9.38 -16.16
C GLN A 87 -10.79 9.57 -17.05
N GLN A 88 -11.02 9.90 -18.32
CA GLN A 88 -9.92 10.06 -19.27
C GLN A 88 -9.74 11.50 -19.70
N GLU A 89 -10.70 12.35 -19.35
CA GLU A 89 -10.64 13.75 -19.72
C GLU A 89 -11.19 14.62 -18.60
N ARG A 90 -10.55 14.53 -17.44
CA ARG A 90 -11.00 15.19 -16.21
C ARG A 90 -11.26 16.67 -16.38
N ASP A 91 -10.49 17.32 -17.25
CA ASP A 91 -10.53 18.78 -17.36
C ASP A 91 -11.92 19.26 -17.75
N LYS A 92 -12.59 18.50 -18.60
CA LYS A 92 -13.92 18.87 -19.05
C LYS A 92 -14.90 18.78 -17.89
N ALA A 93 -14.64 17.85 -16.97
CA ALA A 93 -15.48 17.70 -15.79
C ALA A 93 -15.20 18.82 -14.78
N TYR A 94 -13.94 19.21 -14.64
CA TYR A 94 -13.59 20.31 -13.73
C TYR A 94 -14.27 21.60 -14.18
N GLU A 95 -14.31 21.80 -15.48
CA GLU A 95 -14.89 23.00 -16.07
C GLU A 95 -16.39 23.05 -15.89
N LEU A 96 -17.03 21.88 -16.00
CA LEU A 96 -18.47 21.78 -15.76
C LEU A 96 -18.79 22.09 -14.30
N ILE A 97 -18.04 21.46 -13.39
CA ILE A 97 -18.17 21.71 -11.97
C ILE A 97 -18.06 23.21 -11.67
N TRP A 98 -17.13 23.87 -12.35
CA TRP A 98 -16.90 25.30 -12.12
C TRP A 98 -18.02 26.18 -12.69
N THR A 99 -18.45 25.86 -13.92
CA THR A 99 -19.52 26.60 -14.56
C THR A 99 -20.82 26.52 -13.77
N PHE A 100 -21.08 25.36 -13.18
CA PHE A 100 -22.32 25.15 -12.43
C PHE A 100 -22.20 25.49 -10.94
N ASN A 101 -21.07 26.04 -10.52
CA ASN A 101 -20.90 26.39 -9.11
C ASN A 101 -20.25 27.75 -8.85
N GLY A 102 -19.28 28.11 -9.69
CA GLY A 102 -18.51 29.33 -9.48
C GLY A 102 -19.35 30.59 -9.35
N VAL A 103 -20.53 30.57 -9.95
CA VAL A 103 -21.39 31.75 -9.95
C VAL A 103 -22.62 31.50 -9.08
N ARG A 104 -22.62 30.37 -8.38
CA ARG A 104 -23.73 30.01 -7.52
C ARG A 104 -23.85 30.97 -6.34
N ARG A 105 -25.04 31.50 -6.13
CA ARG A 105 -25.26 32.49 -5.09
C ARG A 105 -25.41 31.85 -3.71
N GLN A 106 -25.65 30.54 -3.69
CA GLN A 106 -25.74 29.80 -2.44
C GLN A 106 -24.37 29.61 -1.81
N LEU A 107 -23.31 29.86 -2.58
CA LEU A 107 -21.95 29.70 -2.08
C LEU A 107 -21.37 31.00 -1.56
N ASP A 108 -20.57 30.90 -0.51
CA ASP A 108 -19.86 32.03 0.07
C ASP A 108 -18.81 32.55 -0.90
N LYS A 109 -18.39 33.79 -0.71
CA LYS A 109 -17.29 34.35 -1.49
C LYS A 109 -16.04 33.52 -1.26
N ASN A 110 -15.84 33.07 -0.02
CA ASN A 110 -14.70 32.23 0.33
C ASN A 110 -14.88 30.80 -0.16
N GLU A 111 -16.12 30.35 -0.25
CA GLU A 111 -16.40 29.00 -0.71
C GLU A 111 -16.12 28.90 -2.20
N ARG A 112 -16.43 29.99 -2.91
CA ARG A 112 -16.17 30.07 -4.34
C ARG A 112 -14.69 30.08 -4.63
N LEU A 113 -13.94 30.86 -3.87
CA LEU A 113 -12.49 30.93 -4.02
C LEU A 113 -11.84 29.58 -3.78
N ALA A 114 -12.28 28.90 -2.73
CA ALA A 114 -11.74 27.60 -2.40
C ALA A 114 -11.92 26.63 -3.56
N LEU A 115 -13.07 26.71 -4.21
CA LEU A 115 -13.37 25.86 -5.36
C LEU A 115 -12.56 26.30 -6.57
N PHE A 116 -12.43 27.62 -6.74
CA PHE A 116 -11.75 28.20 -7.87
C PHE A 116 -10.30 27.73 -7.89
N GLN A 117 -9.66 27.83 -6.74
CA GLN A 117 -8.29 27.36 -6.59
C GLN A 117 -8.17 25.88 -6.90
N LYS A 118 -9.08 25.08 -6.32
CA LYS A 118 -9.11 23.65 -6.59
C LYS A 118 -9.10 23.40 -8.10
N ILE A 119 -10.00 24.09 -8.80
CA ILE A 119 -10.14 23.94 -10.25
C ILE A 119 -8.90 24.42 -10.99
N ALA A 120 -8.52 25.68 -10.80
CA ALA A 120 -7.34 26.24 -11.45
C ALA A 120 -6.12 25.35 -11.25
N ASP A 121 -5.97 24.80 -10.06
CA ASP A 121 -4.89 23.86 -9.76
C ASP A 121 -4.96 22.62 -10.65
N ARG A 122 -6.16 22.03 -10.76
CA ARG A 122 -6.36 20.88 -11.63
C ARG A 122 -5.94 21.22 -13.06
N ILE A 123 -6.35 22.40 -13.51
CA ILE A 123 -6.02 22.86 -14.86
C ILE A 123 -4.51 22.95 -15.07
N ALA A 124 -3.83 23.64 -14.16
CA ALA A 124 -2.38 23.78 -14.24
C ALA A 124 -1.70 22.42 -14.41
N LYS A 125 -2.06 21.47 -13.55
CA LYS A 125 -1.48 20.12 -13.62
C LYS A 125 -1.61 19.51 -15.01
N MSE A 126 -2.79 19.62 -15.60
CA MSE A 126 -3.04 19.00 -16.91
C MSE A 126 -2.41 19.78 -18.06
O MSE A 126 -2.11 19.21 -19.10
CB MSE A 126 -4.54 18.79 -17.14
CG MSE A 126 -5.15 17.75 -16.20
SE MSE A 126 -7.02 17.33 -16.60
CE MSE A 126 -6.81 16.67 -18.43
N GLN A 127 -2.21 21.09 -17.86
CA GLN A 127 -1.53 21.90 -18.85
C GLN A 127 -0.03 21.63 -18.82
N ALA A 128 0.45 21.12 -17.70
CA ALA A 128 1.86 20.71 -17.59
C ALA A 128 2.09 19.44 -18.40
N SER A 129 1.09 18.58 -18.45
CA SER A 129 1.17 17.34 -19.22
C SER A 129 1.05 17.62 -20.72
N LYS A 130 0.07 18.42 -21.09
CA LYS A 130 -0.16 18.76 -22.49
C LYS A 130 0.98 19.59 -23.05
N ASN A 131 1.89 20.02 -22.17
CA ASN A 131 3.04 20.81 -22.58
C ASN A 131 4.36 20.10 -22.24
N LYS A 132 4.25 18.91 -21.65
CA LYS A 132 5.42 18.12 -21.29
C LYS A 132 5.76 17.13 -22.41
N THR A 133 4.75 16.77 -23.20
CA THR A 133 4.95 15.86 -24.32
C THR A 133 5.67 16.56 -25.46
N GLU A 134 5.79 17.89 -25.36
CA GLU A 134 6.43 18.68 -26.39
C GLU A 134 7.39 19.71 -25.77
N GLU A 154 7.80 40.34 -13.58
CA GLU A 154 8.09 40.14 -12.16
C GLU A 154 7.31 38.96 -11.60
N GLU A 155 6.02 38.88 -11.95
CA GLU A 155 5.16 37.80 -11.48
C GLU A 155 5.42 36.52 -12.25
N ASN A 156 6.13 36.65 -13.37
CA ASN A 156 6.56 35.49 -14.13
C ASN A 156 7.88 34.98 -13.57
N GLU A 157 8.31 35.59 -12.46
CA GLU A 157 9.50 35.16 -11.75
C GLU A 157 9.12 34.37 -10.50
N GLU A 158 7.91 34.62 -10.01
CA GLU A 158 7.39 34.00 -8.79
C GLU A 158 6.68 32.70 -9.11
N PHE A 159 7.10 31.61 -8.48
CA PHE A 159 6.56 30.29 -8.81
C PHE A 159 6.12 29.50 -7.58
N VAL A 160 5.18 28.58 -7.80
CA VAL A 160 4.82 27.61 -6.79
C VAL A 160 4.94 26.22 -7.39
N THR A 161 5.25 25.24 -6.55
CA THR A 161 5.34 23.86 -7.00
C THR A 161 4.25 23.04 -6.31
N LEU A 162 3.29 22.59 -7.10
CA LEU A 162 2.20 21.78 -6.57
C LEU A 162 2.73 20.42 -6.16
N ASP A 163 1.88 19.65 -5.48
CA ASP A 163 2.28 18.36 -4.93
C ASP A 163 2.67 17.32 -6.00
N ASP A 164 2.21 17.53 -7.23
CA ASP A 164 2.52 16.59 -8.32
C ASP A 164 3.74 17.03 -9.11
N GLY A 165 4.45 18.02 -8.60
CA GLY A 165 5.64 18.52 -9.27
C GLY A 165 5.39 19.66 -10.24
N THR A 166 4.12 19.89 -10.56
CA THR A 166 3.75 20.98 -11.47
C THR A 166 4.14 22.35 -10.93
N THR A 167 4.87 23.11 -11.75
CA THR A 167 5.34 24.43 -11.36
C THR A 167 4.74 25.51 -12.25
N ILE A 168 4.30 26.59 -11.63
CA ILE A 168 3.63 27.66 -12.37
C ILE A 168 3.87 29.01 -11.72
N SER A 169 3.98 30.05 -12.54
CA SER A 169 4.18 31.40 -12.04
C SER A 169 2.84 32.04 -11.72
N ALA A 170 2.87 33.14 -10.98
CA ALA A 170 1.65 33.84 -10.60
C ALA A 170 0.95 34.42 -11.82
N LEU A 171 1.73 34.85 -12.80
CA LEU A 171 1.17 35.39 -14.02
C LEU A 171 0.40 34.31 -14.76
N GLU A 172 1.05 33.16 -14.93
CA GLU A 172 0.45 32.03 -15.63
C GLU A 172 -0.80 31.49 -14.91
N TYR A 173 -0.79 31.54 -13.59
CA TYR A 173 -1.92 31.10 -12.79
C TYR A 173 -3.05 32.12 -12.87
N GLU A 174 -2.67 33.39 -12.97
CA GLU A 174 -3.66 34.46 -13.11
C GLU A 174 -4.42 34.31 -14.42
N ARG A 175 -3.70 34.00 -15.50
CA ARG A 175 -4.32 33.88 -16.80
C ARG A 175 -5.29 32.70 -16.86
N ILE A 176 -5.01 31.67 -16.05
CA ILE A 176 -5.90 30.52 -15.95
C ILE A 176 -7.22 30.91 -15.29
N LEU A 177 -7.15 31.80 -14.32
CA LEU A 177 -8.34 32.32 -13.67
C LEU A 177 -9.14 33.17 -14.67
N LYS A 178 -8.42 33.89 -15.51
CA LYS A 178 -9.03 34.75 -16.51
C LYS A 178 -9.83 33.92 -17.52
N GLU A 179 -9.26 32.80 -17.94
CA GLU A 179 -9.94 31.92 -18.88
C GLU A 179 -11.22 31.36 -18.25
N LEU A 180 -11.08 30.85 -17.03
CA LEU A 180 -12.18 30.15 -16.35
C LEU A 180 -13.33 31.09 -15.99
N ASP A 181 -13.03 32.38 -15.96
CA ASP A 181 -14.02 33.38 -15.57
C ASP A 181 -13.75 34.68 -16.33
N LYS A 182 -13.72 34.58 -17.66
CA LYS A 182 -13.41 35.74 -18.51
C LYS A 182 -14.57 36.73 -18.62
N GLU A 183 -15.27 36.95 -17.52
CA GLU A 183 -16.38 37.89 -17.49
C GLU A 183 -16.45 38.58 -16.14
N ASN A 184 -15.54 38.21 -15.25
CA ASN A 184 -15.53 38.75 -13.88
C ASN A 184 -16.84 38.51 -13.16
N LYS A 185 -17.64 37.57 -13.65
CA LYS A 185 -18.93 37.27 -13.02
C LYS A 185 -18.77 36.51 -11.72
N ALA A 186 -17.71 35.72 -11.60
CA ALA A 186 -17.48 34.93 -10.39
C ALA A 186 -16.58 35.70 -9.40
N LEU A 187 -15.70 36.51 -9.97
CA LEU A 187 -14.69 37.27 -9.25
C LEU A 187 -14.21 38.45 -10.09
N SER A 188 -13.88 39.55 -9.44
CA SER A 188 -13.40 40.78 -10.11
C SER A 188 -11.99 40.60 -10.64
N GLU A 189 -11.52 41.63 -11.37
CA GLU A 189 -10.19 41.62 -11.98
C GLU A 189 -9.10 41.67 -10.90
N SER A 190 -9.29 42.56 -9.93
CA SER A 190 -8.36 42.75 -8.83
C SER A 190 -8.26 41.51 -7.95
N ASP A 191 -9.40 40.92 -7.63
CA ASP A 191 -9.40 39.76 -6.77
C ASP A 191 -8.66 38.57 -7.39
N LYS A 192 -8.86 38.35 -8.69
CA LYS A 192 -8.13 37.33 -9.42
C LYS A 192 -6.62 37.55 -9.28
N ARG A 193 -6.20 38.80 -9.46
CA ARG A 193 -4.81 39.18 -9.29
C ARG A 193 -4.39 38.94 -7.84
N LYS A 194 -5.17 39.45 -6.90
CA LYS A 194 -4.90 39.26 -5.49
C LYS A 194 -4.73 37.80 -5.12
N MSE A 195 -5.67 36.96 -5.55
CA MSE A 195 -5.61 35.56 -5.19
C MSE A 195 -4.43 34.85 -5.86
O MSE A 195 -3.71 34.08 -5.21
CB MSE A 195 -6.92 34.84 -5.51
CG MSE A 195 -6.97 33.46 -4.91
SE MSE A 195 -6.97 32.09 -6.29
CE MSE A 195 -8.71 32.52 -7.05
N ALA A 196 -4.22 35.11 -7.15
CA ALA A 196 -3.08 34.56 -7.86
C ALA A 196 -1.79 34.83 -7.08
N ILE A 197 -1.56 36.10 -6.76
CA ILE A 197 -0.35 36.49 -6.04
C ILE A 197 -0.19 35.69 -4.75
N LEU A 198 -1.27 35.58 -3.98
CA LEU A 198 -1.23 34.89 -2.71
C LEU A 198 -1.00 33.39 -2.90
N ARG A 199 -1.53 32.87 -4.00
CA ARG A 199 -1.49 31.45 -4.30
C ARG A 199 -0.07 30.99 -4.64
N ILE A 200 0.71 31.88 -5.26
CA ILE A 200 2.07 31.56 -5.65
C ILE A 200 3.09 31.98 -4.61
N ASN A 201 2.95 33.21 -4.11
CA ASN A 201 3.91 33.76 -3.16
C ASN A 201 3.67 33.28 -1.74
N THR A 202 2.41 33.22 -1.32
CA THR A 202 2.12 32.90 0.07
C THR A 202 0.95 31.93 0.25
N PRO A 203 1.13 30.69 -0.21
CA PRO A 203 0.09 29.64 -0.14
C PRO A 203 -0.44 29.48 1.28
N TRP A 204 0.46 29.52 2.25
CA TRP A 204 0.08 29.37 3.66
C TRP A 204 -0.94 30.42 4.08
N LEU A 205 -0.81 31.62 3.51
CA LEU A 205 -1.68 32.73 3.88
C LEU A 205 -3.03 32.63 3.17
N LEU A 206 -3.01 32.16 1.92
CA LEU A 206 -4.24 31.94 1.18
C LEU A 206 -5.09 30.86 1.83
N LYS A 207 -4.45 29.95 2.54
CA LYS A 207 -5.15 28.85 3.21
C LYS A 207 -6.12 29.36 4.28
N TYR A 208 -5.81 30.50 4.88
CA TYR A 208 -6.68 31.09 5.91
C TYR A 208 -7.96 31.63 5.27
N VAL A 209 -7.86 31.99 4.00
CA VAL A 209 -8.98 32.47 3.22
C VAL A 209 -9.90 31.33 2.76
N THR A 210 -9.30 30.21 2.36
CA THR A 210 -10.07 29.09 1.80
C THR A 210 -10.51 28.08 2.85
N ASP A 211 -9.83 28.05 3.98
CA ASP A 211 -10.17 27.12 5.05
C ASP A 211 -11.57 27.41 5.55
N GLN A 212 -12.44 26.41 5.46
CA GLN A 212 -13.84 26.54 5.87
C GLN A 212 -13.95 27.16 7.25
N LYS A 213 -13.02 26.79 8.13
CA LYS A 213 -13.10 27.16 9.53
C LYS A 213 -12.87 28.66 9.77
N TYR A 214 -12.06 29.27 8.92
CA TYR A 214 -11.63 30.66 9.13
C TYR A 214 -12.28 31.63 8.17
N LYS A 215 -12.23 31.32 6.89
CA LYS A 215 -12.80 32.19 5.85
C LYS A 215 -12.41 33.65 6.06
N VAL A 216 -11.11 33.92 6.14
CA VAL A 216 -10.66 35.31 6.27
C VAL A 216 -10.84 36.00 4.92
N PRO A 217 -11.38 37.23 4.93
CA PRO A 217 -11.64 37.90 3.65
C PRO A 217 -10.40 37.97 2.79
N LEU A 218 -10.59 37.88 1.48
CA LEU A 218 -9.48 37.98 0.54
C LEU A 218 -8.71 39.29 0.72
N ASP A 219 -9.46 40.40 0.71
CA ASP A 219 -8.87 41.73 0.85
C ASP A 219 -8.07 41.84 2.14
N GLN A 220 -8.59 41.27 3.22
CA GLN A 220 -7.88 41.27 4.51
C GLN A 220 -6.58 40.51 4.39
N ALA A 221 -6.64 39.37 3.72
CA ALA A 221 -5.45 38.54 3.53
C ALA A 221 -4.42 39.27 2.69
N PHE A 222 -4.87 39.91 1.62
CA PHE A 222 -3.97 40.64 0.75
C PHE A 222 -3.37 41.85 1.45
N ARG A 223 -4.19 42.60 2.19
CA ARG A 223 -3.68 43.76 2.93
C ARG A 223 -2.57 43.34 3.87
N ILE A 224 -2.76 42.20 4.54
CA ILE A 224 -1.74 41.68 5.43
C ILE A 224 -0.50 41.38 4.62
N TYR A 225 -0.70 40.72 3.48
CA TYR A 225 0.40 40.41 2.57
C TYR A 225 1.21 41.65 2.19
N THR A 226 0.51 42.71 1.80
CA THR A 226 1.16 43.94 1.39
C THR A 226 1.93 44.56 2.55
N ARG A 227 1.27 44.66 3.69
CA ARG A 227 1.83 45.25 4.90
C ARG A 227 3.11 44.53 5.35
N VAL A 228 3.01 43.23 5.58
CA VAL A 228 4.13 42.45 6.08
C VAL A 228 5.26 42.41 5.04
N LYS A 229 4.90 42.57 3.78
CA LYS A 229 5.90 42.64 2.73
C LYS A 229 6.60 44.00 2.75
N ASP A 230 5.82 45.08 2.86
CA ASP A 230 6.40 46.42 2.90
C ASP A 230 7.45 46.55 4.00
N MSE A 231 7.25 45.82 5.09
CA MSE A 231 8.16 45.89 6.22
C MSE A 231 9.14 44.73 6.24
O MSE A 231 9.83 44.51 7.24
CB MSE A 231 7.38 45.93 7.52
CG MSE A 231 6.35 47.02 7.57
SE MSE A 231 5.34 46.86 9.21
CE MSE A 231 6.83 47.02 10.46
N GLY A 232 9.20 43.99 5.14
CA GLY A 232 10.17 42.91 4.99
C GLY A 232 10.19 41.94 6.16
N ILE A 233 9.01 41.50 6.58
CA ILE A 233 8.93 40.50 7.65
C ILE A 233 7.97 39.37 7.29
N LEU A 234 7.59 39.31 6.02
CA LEU A 234 6.70 38.26 5.53
C LEU A 234 7.10 36.87 6.05
N ASP A 235 8.37 36.54 5.89
CA ASP A 235 8.86 35.23 6.31
C ASP A 235 8.81 35.05 7.83
N LYS A 236 9.07 36.13 8.56
CA LYS A 236 9.02 36.10 10.02
C LYS A 236 7.61 35.73 10.49
N LEU A 237 6.61 36.29 9.83
CA LEU A 237 5.21 35.95 10.11
C LEU A 237 4.90 34.52 9.68
N LYS A 238 5.34 34.17 8.48
CA LYS A 238 5.15 32.83 7.91
C LYS A 238 5.67 31.73 8.84
N ASP A 239 6.73 32.01 9.57
CA ASP A 239 7.37 30.98 10.39
C ASP A 239 6.89 30.92 11.85
N LEU A 240 6.01 31.84 12.22
CA LEU A 240 5.44 31.81 13.56
C LEU A 240 4.66 30.53 13.79
N ALA A 241 4.79 29.98 14.99
CA ALA A 241 4.04 28.79 15.36
C ALA A 241 2.55 29.11 15.30
N PRO A 242 1.75 28.14 14.85
CA PRO A 242 0.29 28.25 14.75
C PRO A 242 -0.32 29.03 15.91
N ALA A 243 0.12 28.72 17.12
CA ALA A 243 -0.47 29.30 18.34
C ALA A 243 -0.32 30.82 18.38
N LEU A 244 0.59 31.35 17.57
CA LEU A 244 0.76 32.78 17.45
C LEU A 244 0.15 33.28 16.15
N ARG A 245 0.50 32.60 15.06
CA ARG A 245 0.11 33.00 13.71
C ARG A 245 -1.40 32.95 13.48
N ASP A 246 -2.03 31.86 13.93
CA ASP A 246 -3.46 31.68 13.74
C ASP A 246 -4.28 32.83 14.31
N PRO A 247 -4.21 33.05 15.63
CA PRO A 247 -5.03 34.13 16.19
C PRO A 247 -4.61 35.50 15.66
N LEU A 248 -3.37 35.61 15.17
CA LEU A 248 -2.88 36.87 14.61
C LEU A 248 -3.57 37.19 13.29
N ILE A 249 -3.91 36.14 12.54
CA ILE A 249 -4.47 36.30 11.21
C ILE A 249 -5.99 36.06 11.19
N THR A 250 -6.43 35.15 12.05
CA THR A 250 -7.81 34.70 12.11
C THR A 250 -8.80 35.70 12.74
N THR A 251 -8.32 36.49 13.69
CA THR A 251 -9.18 37.40 14.45
C THR A 251 -8.95 38.85 14.08
N ARG A 252 -9.95 39.69 14.32
CA ARG A 252 -9.83 41.12 14.10
C ARG A 252 -8.78 41.69 15.05
N GLU A 253 -8.78 41.17 16.27
CA GLU A 253 -7.80 41.53 17.29
C GLU A 253 -6.37 41.41 16.76
N GLY A 254 -6.00 40.21 16.31
CA GLY A 254 -4.66 39.99 15.80
C GLY A 254 -4.38 40.80 14.53
N ARG A 255 -5.40 40.95 13.70
CA ARG A 255 -5.26 41.63 12.43
C ARG A 255 -4.98 43.13 12.61
N LYS A 256 -5.54 43.73 13.64
CA LYS A 256 -5.27 45.14 13.94
C LYS A 256 -3.80 45.33 14.31
N ILE A 257 -3.26 44.36 15.04
CA ILE A 257 -1.87 44.42 15.47
C ILE A 257 -0.92 44.52 14.27
N ILE A 258 -1.24 43.78 13.21
CA ILE A 258 -0.38 43.77 12.03
C ILE A 258 -0.67 44.93 11.08
N LEU A 259 -1.93 45.36 11.00
CA LEU A 259 -2.32 46.40 10.04
C LEU A 259 -2.19 47.81 10.58
N ASN A 260 -2.55 48.01 11.85
CA ASN A 260 -2.50 49.34 12.46
C ASN A 260 -1.12 49.71 12.96
N ASP A 261 -0.60 50.83 12.47
CA ASP A 261 0.73 51.30 12.85
C ASP A 261 0.81 51.65 14.33
N GLU A 262 -0.34 51.83 14.97
CA GLU A 262 -0.38 52.16 16.39
C GLU A 262 0.16 51.01 17.24
N TYR A 263 0.07 49.79 16.71
CA TYR A 263 0.52 48.61 17.44
C TYR A 263 1.78 48.00 16.83
N ARG A 264 2.48 48.81 16.02
CA ARG A 264 3.66 48.36 15.29
C ARG A 264 4.66 47.61 16.16
N ASP A 265 4.96 48.15 17.34
CA ASP A 265 5.97 47.56 18.21
C ASP A 265 5.52 46.23 18.81
N LEU A 266 4.23 46.11 19.11
CA LEU A 266 3.68 44.85 19.57
C LEU A 266 3.93 43.80 18.49
N MSE A 267 3.61 44.16 17.25
CA MSE A 267 3.77 43.24 16.13
C MSE A 267 5.21 42.79 15.99
O MSE A 267 5.48 41.63 15.72
CB MSE A 267 3.31 43.91 14.83
CG MSE A 267 3.49 43.04 13.61
SE MSE A 267 3.00 43.98 11.99
CE MSE A 267 4.12 45.56 12.21
N GLU A 268 6.13 43.74 16.16
CA GLU A 268 7.55 43.46 15.99
C GLU A 268 8.04 42.46 17.03
N LYS A 269 7.53 42.60 18.24
CA LYS A 269 7.88 41.68 19.32
C LYS A 269 7.24 40.32 19.10
N ILE A 270 6.05 40.32 18.49
CA ILE A 270 5.35 39.07 18.25
C ILE A 270 6.22 38.12 17.42
N ILE A 271 6.95 38.68 16.46
CA ILE A 271 7.76 37.88 15.55
C ILE A 271 9.22 37.71 16.00
N SER A 272 9.75 38.68 16.74
CA SER A 272 11.16 38.66 17.14
C SER A 272 11.62 37.28 17.59
N MSE B 4 1.68 18.57 3.58
CA MSE B 4 2.98 19.19 3.38
C MSE B 4 2.84 20.53 2.65
O MSE B 4 2.23 20.60 1.58
CB MSE B 4 3.90 18.26 2.59
CG MSE B 4 5.31 18.81 2.34
SE MSE B 4 6.65 18.19 3.62
CE MSE B 4 6.68 16.30 3.15
N THR B 5 3.41 21.58 3.24
CA THR B 5 3.40 22.91 2.63
C THR B 5 3.94 22.87 1.21
N GLU B 6 3.42 23.73 0.35
CA GLU B 6 3.89 23.83 -1.03
C GLU B 6 5.18 24.63 -1.11
N LEU B 7 6.08 24.22 -2.01
CA LEU B 7 7.35 24.92 -2.17
C LEU B 7 7.21 26.07 -3.16
N THR B 8 7.66 27.24 -2.75
CA THR B 8 7.64 28.42 -3.60
C THR B 8 9.06 28.95 -3.81
N TYR B 9 9.29 29.57 -4.96
CA TYR B 9 10.60 30.15 -5.24
C TYR B 9 10.50 31.27 -6.25
N THR B 10 11.58 32.05 -6.34
CA THR B 10 11.66 33.11 -7.33
C THR B 10 12.97 32.97 -8.09
N GLU B 11 12.99 33.46 -9.32
CA GLU B 11 14.16 33.36 -10.16
C GLU B 11 14.97 34.65 -10.06
N GLU B 12 16.25 34.54 -9.72
CA GLU B 12 17.09 35.71 -9.61
C GLU B 12 18.55 35.43 -9.94
N VAL B 13 19.29 36.50 -10.25
CA VAL B 13 20.71 36.40 -10.54
C VAL B 13 21.49 37.05 -9.42
N VAL B 14 22.56 36.38 -8.99
CA VAL B 14 23.37 36.86 -7.87
C VAL B 14 24.84 36.69 -8.17
N SER B 15 25.67 37.42 -7.44
CA SER B 15 27.12 37.26 -7.55
C SER B 15 27.48 35.82 -7.22
N ILE B 16 28.40 35.26 -7.98
CA ILE B 16 28.73 33.85 -7.85
C ILE B 16 29.23 33.49 -6.45
N GLU B 17 29.77 34.48 -5.75
CA GLU B 17 30.33 34.26 -4.42
C GLU B 17 29.30 34.47 -3.32
N LYS B 18 28.09 34.87 -3.71
CA LYS B 18 27.04 35.11 -2.73
C LYS B 18 26.46 33.79 -2.20
N LEU B 19 26.66 32.71 -2.96
CA LEU B 19 26.14 31.40 -2.60
C LEU B 19 26.95 30.72 -1.49
N LYS B 20 26.27 30.34 -0.42
CA LYS B 20 26.91 29.68 0.71
C LYS B 20 26.68 28.18 0.61
N GLU B 21 27.72 27.39 0.90
CA GLU B 21 27.62 25.95 0.75
C GLU B 21 27.37 25.24 2.08
N ASP B 22 26.59 24.17 2.02
CA ASP B 22 26.29 23.34 3.17
C ASP B 22 26.96 22.00 2.96
N ASP B 23 27.89 21.65 3.84
CA ASP B 23 28.73 20.49 3.61
C ASP B 23 27.95 19.19 3.50
N GLU B 24 26.77 19.15 4.12
CA GLU B 24 25.93 17.96 4.02
C GLU B 24 25.32 17.86 2.63
N PHE B 25 24.74 18.96 2.16
CA PHE B 25 24.14 18.98 0.83
C PHE B 25 25.22 18.76 -0.21
N LYS B 26 26.41 19.25 0.09
CA LYS B 26 27.55 19.15 -0.81
C LYS B 26 27.93 17.70 -1.08
N THR B 27 27.63 16.82 -0.13
CA THR B 27 28.02 15.43 -0.26
C THR B 27 26.84 14.46 -0.34
N MSE B 28 25.63 15.01 -0.45
CA MSE B 28 24.43 14.18 -0.57
C MSE B 28 24.48 13.22 -1.75
O MSE B 28 24.28 12.02 -1.61
CB MSE B 28 23.18 15.06 -0.69
CG MSE B 28 22.60 15.51 0.64
SE MSE B 28 22.14 14.00 1.81
CE MSE B 28 21.22 12.88 0.52
N VAL B 29 24.77 13.77 -2.94
CA VAL B 29 24.77 12.99 -4.15
C VAL B 29 26.09 12.24 -4.33
N PRO B 30 26.00 10.91 -4.52
CA PRO B 30 27.19 10.08 -4.72
C PRO B 30 28.00 10.56 -5.91
N SER B 31 29.33 10.54 -5.77
CA SER B 31 30.22 10.98 -6.85
C SER B 31 29.97 10.16 -8.11
N ASN B 32 29.98 10.84 -9.25
CA ASN B 32 29.72 10.19 -10.53
C ASN B 32 30.61 10.75 -11.65
N ASN B 33 30.31 10.37 -12.88
CA ASN B 33 31.14 10.76 -14.02
C ASN B 33 30.50 11.84 -14.90
N SER B 34 29.66 12.67 -14.29
CA SER B 34 28.89 13.64 -15.05
C SER B 34 29.54 15.01 -15.13
N ARG B 35 30.72 15.16 -14.51
CA ARG B 35 31.37 16.46 -14.45
C ARG B 35 31.67 17.04 -15.83
N GLU B 36 32.39 16.30 -16.65
CA GLU B 36 32.73 16.77 -18.00
C GLU B 36 31.45 17.05 -18.79
N ASP B 37 30.40 16.29 -18.48
CA ASP B 37 29.11 16.49 -19.13
C ASP B 37 28.59 17.92 -18.92
N LEU B 38 28.30 18.29 -17.69
CA LEU B 38 27.82 19.65 -17.42
C LEU B 38 28.97 20.65 -17.32
N GLU B 39 30.13 20.26 -17.85
CA GLU B 39 31.28 21.13 -17.92
C GLU B 39 31.31 21.82 -19.28
N LYS B 40 30.92 21.07 -20.31
CA LYS B 40 30.86 21.63 -21.66
C LYS B 40 29.54 22.37 -21.86
N SER B 41 28.49 21.89 -21.21
CA SER B 41 27.19 22.56 -21.24
C SER B 41 27.37 24.01 -20.83
N LEU B 42 28.05 24.23 -19.71
CA LEU B 42 28.31 25.56 -19.20
C LEU B 42 29.36 26.29 -20.04
N ARG B 43 30.23 25.51 -20.68
CA ARG B 43 31.29 26.06 -21.53
C ARG B 43 30.69 26.70 -22.77
N GLU B 44 29.93 25.91 -23.52
CA GLU B 44 29.34 26.35 -24.78
C GLU B 44 28.21 27.36 -24.60
N LYS B 45 27.13 26.93 -23.96
CA LYS B 45 25.91 27.72 -23.91
C LYS B 45 25.64 28.30 -22.53
N SER B 46 26.68 28.38 -21.70
CA SER B 46 26.54 28.94 -20.37
C SER B 46 25.49 28.19 -19.56
N GLN B 47 24.86 28.90 -18.63
CA GLN B 47 23.87 28.30 -17.74
C GLN B 47 22.53 28.08 -18.41
N ILE B 48 22.23 26.83 -18.72
CA ILE B 48 20.92 26.47 -19.26
C ILE B 48 19.91 26.40 -18.13
N PHE B 49 20.30 25.74 -17.04
CA PHE B 49 19.44 25.59 -15.87
C PHE B 49 20.01 26.33 -14.67
N PRO B 50 19.13 26.95 -13.87
CA PRO B 50 19.58 27.67 -12.67
C PRO B 50 19.87 26.69 -11.53
N LEU B 51 20.65 27.14 -10.56
CA LEU B 51 20.95 26.33 -9.39
C LEU B 51 19.86 26.50 -8.33
N ILE B 52 19.89 25.64 -7.32
CA ILE B 52 18.83 25.63 -6.31
C ILE B 52 19.36 26.11 -4.96
N ALA B 53 18.79 27.21 -4.48
CA ALA B 53 19.23 27.78 -3.21
C ALA B 53 18.03 28.11 -2.34
N ASP B 54 18.28 28.23 -1.03
CA ASP B 54 17.21 28.60 -0.12
C ASP B 54 17.16 30.11 0.08
N ARG B 55 16.36 30.53 1.05
CA ARG B 55 16.13 31.94 1.34
C ARG B 55 17.43 32.69 1.62
N ASN B 56 18.32 32.08 2.39
CA ASN B 56 19.57 32.72 2.77
C ASN B 56 20.71 32.38 1.83
N TYR B 57 20.37 31.90 0.65
CA TYR B 57 21.36 31.65 -0.40
C TYR B 57 22.30 30.51 -0.05
N VAL B 58 21.79 29.58 0.75
CA VAL B 58 22.48 28.33 0.99
C VAL B 58 22.22 27.41 -0.21
N LEU B 59 23.29 26.98 -0.85
CA LEU B 59 23.21 26.10 -2.01
C LEU B 59 22.61 24.76 -1.60
N ILE B 60 21.56 24.34 -2.30
CA ILE B 60 20.91 23.07 -2.00
C ILE B 60 21.33 22.03 -3.03
N ASP B 61 21.22 22.43 -4.30
CA ASP B 61 21.56 21.56 -5.41
C ASP B 61 22.39 22.32 -6.45
N GLY B 62 23.50 21.73 -6.88
CA GLY B 62 24.29 22.29 -7.95
C GLY B 62 25.72 22.58 -7.58
N TYR B 63 26.28 21.74 -6.72
CA TYR B 63 27.63 21.98 -6.19
C TYR B 63 28.73 21.80 -7.23
N THR B 64 28.62 20.77 -8.04
CA THR B 64 29.60 20.59 -9.11
C THR B 64 29.49 21.74 -10.11
N ARG B 65 28.28 21.99 -10.62
CA ARG B 65 28.03 23.10 -11.53
C ARG B 65 28.59 24.42 -11.03
N LEU B 66 28.37 24.73 -9.75
CA LEU B 66 28.90 25.96 -9.18
C LEU B 66 30.43 25.96 -9.22
N ASP B 67 31.02 24.81 -8.89
CA ASP B 67 32.47 24.69 -8.86
C ASP B 67 33.07 24.92 -10.24
N ILE B 68 32.44 24.32 -11.25
CA ILE B 68 32.87 24.50 -12.63
C ILE B 68 32.80 25.97 -13.05
N MSE B 69 31.68 26.61 -12.75
CA MSE B 69 31.47 28.00 -13.14
C MSE B 69 32.44 28.94 -12.44
O MSE B 69 32.86 29.95 -13.02
CB MSE B 69 30.04 28.43 -12.81
CG MSE B 69 28.98 27.76 -13.67
SE MSE B 69 27.22 28.53 -13.34
CE MSE B 69 26.96 27.87 -11.53
N LYS B 70 32.79 28.59 -11.21
CA LYS B 70 33.77 29.35 -10.46
C LYS B 70 35.11 29.31 -11.19
N LYS B 71 35.47 28.12 -11.68
CA LYS B 71 36.73 27.92 -12.39
C LYS B 71 36.70 28.46 -13.83
N LEU B 72 35.51 28.57 -14.40
CA LEU B 72 35.36 29.07 -15.75
C LEU B 72 35.21 30.59 -15.80
N GLY B 73 35.46 31.25 -14.67
CA GLY B 73 35.45 32.69 -14.61
C GLY B 73 34.09 33.34 -14.34
N PHE B 74 33.03 32.54 -14.42
CA PHE B 74 31.69 33.06 -14.18
C PHE B 74 31.68 34.00 -12.97
N LYS B 75 30.98 35.12 -13.10
CA LYS B 75 30.93 36.12 -12.04
C LYS B 75 29.58 36.15 -11.34
N GLU B 76 28.57 35.61 -12.00
CA GLU B 76 27.23 35.58 -11.42
C GLU B 76 26.43 34.40 -11.94
N VAL B 77 25.56 33.88 -11.09
CA VAL B 77 24.85 32.65 -11.43
C VAL B 77 23.34 32.79 -11.21
N LYS B 78 22.57 32.30 -12.18
CA LYS B 78 21.12 32.27 -12.09
C LYS B 78 20.72 31.20 -11.09
N ILE B 79 19.82 31.54 -10.18
CA ILE B 79 19.36 30.57 -9.19
C ILE B 79 17.84 30.57 -9.01
N LEU B 80 17.34 29.52 -8.36
CA LEU B 80 15.99 29.50 -7.87
C LEU B 80 16.05 29.62 -6.34
N LYS B 81 15.73 30.81 -5.84
CA LYS B 81 15.69 31.04 -4.40
C LYS B 81 14.34 30.63 -3.84
N TYR B 82 14.32 29.55 -3.08
CA TYR B 82 13.11 29.06 -2.46
C TYR B 82 12.87 29.78 -1.14
N ASP B 83 11.60 29.93 -0.79
CA ASP B 83 11.24 30.70 0.39
C ASP B 83 11.16 29.86 1.64
N PHE B 84 12.28 29.25 2.00
CA PHE B 84 12.36 28.49 3.24
C PHE B 84 13.79 28.45 3.73
N ASP B 85 13.95 28.24 5.03
CA ASP B 85 15.27 28.17 5.64
C ASP B 85 15.69 26.71 5.73
N SER B 86 16.66 26.33 4.92
CA SER B 86 17.11 24.94 4.85
C SER B 86 17.68 24.48 6.19
N GLN B 87 18.13 25.43 7.00
CA GLN B 87 18.72 25.10 8.31
C GLN B 87 17.64 24.80 9.34
N GLN B 88 16.39 25.10 9.01
CA GLN B 88 15.29 24.81 9.89
C GLN B 88 14.32 23.79 9.28
N GLU B 89 14.06 23.95 7.98
CA GLU B 89 13.23 23.00 7.26
C GLU B 89 14.05 22.10 6.33
N ARG B 90 15.05 21.43 6.91
CA ARG B 90 15.89 20.51 6.14
C ARG B 90 15.08 19.62 5.22
N ASP B 91 13.97 19.08 5.74
CA ASP B 91 13.15 18.15 4.98
C ASP B 91 12.86 18.69 3.58
N LYS B 92 12.69 20.00 3.47
CA LYS B 92 12.43 20.62 2.18
C LYS B 92 13.66 20.60 1.26
N ALA B 93 14.83 20.84 1.84
CA ALA B 93 16.07 20.77 1.07
C ALA B 93 16.30 19.34 0.59
N TYR B 94 16.06 18.39 1.49
CA TYR B 94 16.14 16.97 1.17
C TYR B 94 15.26 16.60 -0.02
N GLU B 95 14.05 17.16 -0.07
CA GLU B 95 13.12 16.82 -1.14
C GLU B 95 13.58 17.37 -2.47
N LEU B 96 14.08 18.59 -2.46
CA LEU B 96 14.61 19.22 -3.66
C LEU B 96 15.78 18.43 -4.23
N ILE B 97 16.71 18.02 -3.37
CA ILE B 97 17.87 17.28 -3.82
C ILE B 97 17.47 15.97 -4.47
N TRP B 98 16.40 15.35 -3.97
CA TRP B 98 15.91 14.11 -4.54
C TRP B 98 15.19 14.36 -5.86
N THR B 99 14.40 15.43 -5.88
CA THR B 99 13.65 15.78 -7.08
C THR B 99 14.58 16.03 -8.24
N PHE B 100 15.69 16.72 -7.98
CA PHE B 100 16.59 17.10 -9.05
C PHE B 100 17.72 16.12 -9.32
N ASN B 101 17.68 14.97 -8.64
CA ASN B 101 18.74 13.98 -8.82
C ASN B 101 18.28 12.53 -9.03
N GLY B 102 17.18 12.16 -8.38
CA GLY B 102 16.67 10.79 -8.47
C GLY B 102 16.36 10.31 -9.88
N VAL B 103 15.89 11.21 -10.73
CA VAL B 103 15.54 10.86 -12.12
C VAL B 103 16.74 11.00 -13.05
N ARG B 104 17.79 11.66 -12.57
CA ARG B 104 18.96 11.98 -13.39
C ARG B 104 19.59 10.75 -14.05
N ARG B 105 19.91 10.86 -15.34
CA ARG B 105 20.44 9.74 -16.10
C ARG B 105 21.94 9.55 -15.89
N GLN B 106 22.66 10.63 -15.58
CA GLN B 106 24.09 10.53 -15.33
C GLN B 106 24.37 9.62 -14.14
N LEU B 107 23.34 9.27 -13.38
CA LEU B 107 23.50 8.41 -12.21
C LEU B 107 22.99 6.99 -12.48
N ASP B 108 23.87 6.00 -12.27
CA ASP B 108 23.46 4.60 -12.44
C ASP B 108 22.44 4.19 -11.37
N LYS B 109 21.88 3.00 -11.51
CA LYS B 109 20.81 2.55 -10.63
C LYS B 109 21.26 2.48 -9.17
N ASN B 110 22.52 2.14 -8.95
CA ASN B 110 23.08 1.96 -7.62
C ASN B 110 23.42 3.27 -6.91
N GLU B 111 23.72 4.30 -7.69
CA GLU B 111 24.08 5.59 -7.14
C GLU B 111 22.82 6.35 -6.72
N ARG B 112 21.73 6.14 -7.45
CA ARG B 112 20.47 6.79 -7.11
C ARG B 112 19.81 6.11 -5.92
N LEU B 113 19.99 4.79 -5.82
CA LEU B 113 19.50 4.03 -4.68
C LEU B 113 20.20 4.49 -3.40
N ALA B 114 21.50 4.73 -3.49
CA ALA B 114 22.27 5.22 -2.36
C ALA B 114 21.80 6.60 -1.96
N LEU B 115 21.46 7.42 -2.95
CA LEU B 115 20.91 8.75 -2.66
C LEU B 115 19.52 8.60 -2.06
N PHE B 116 18.73 7.70 -2.63
CA PHE B 116 17.38 7.47 -2.17
C PHE B 116 17.36 7.12 -0.69
N GLN B 117 18.19 6.18 -0.29
CA GLN B 117 18.31 5.80 1.11
C GLN B 117 18.77 6.98 1.97
N LYS B 118 19.78 7.71 1.51
CA LYS B 118 20.29 8.84 2.26
C LYS B 118 19.17 9.83 2.53
N ILE B 119 18.33 10.03 1.52
CA ILE B 119 17.19 10.92 1.64
C ILE B 119 16.14 10.35 2.60
N ALA B 120 15.69 9.13 2.35
CA ALA B 120 14.61 8.53 3.14
C ALA B 120 14.97 8.45 4.63
N ASP B 121 16.24 8.15 4.92
CA ASP B 121 16.76 8.13 6.28
C ASP B 121 16.66 9.50 6.94
N ARG B 122 16.91 10.57 6.18
CA ARG B 122 16.82 11.92 6.72
C ARG B 122 15.38 12.25 7.04
N ILE B 123 14.50 11.97 6.08
CA ILE B 123 13.07 12.26 6.24
C ILE B 123 12.49 11.50 7.44
N ALA B 124 13.03 10.31 7.70
CA ALA B 124 12.54 9.49 8.81
C ALA B 124 12.83 10.16 10.14
N LYS B 125 14.04 10.68 10.29
CA LYS B 125 14.44 11.39 11.51
C LYS B 125 13.66 12.69 11.66
N MSE B 126 13.34 13.32 10.54
CA MSE B 126 12.55 14.55 10.53
C MSE B 126 11.12 14.32 11.01
O MSE B 126 10.42 15.26 11.39
CB MSE B 126 12.52 15.15 9.12
CG MSE B 126 13.81 15.84 8.69
SE MSE B 126 14.04 17.60 9.53
CE MSE B 126 15.75 17.30 10.39
N GLN B 127 10.67 13.06 10.97
CA GLN B 127 9.32 12.73 11.36
C GLN B 127 9.28 12.15 12.78
N ALA B 128 10.41 11.62 13.23
CA ALA B 128 10.53 11.12 14.59
C ALA B 128 10.81 12.27 15.56
N SER B 129 11.19 13.42 15.00
CA SER B 129 11.47 14.60 15.79
C SER B 129 10.26 15.54 15.84
N LYS B 130 9.23 15.21 15.08
CA LYS B 130 7.98 15.97 15.09
C LYS B 130 6.88 15.22 15.81
N ASN B 131 6.75 13.93 15.52
CA ASN B 131 5.75 13.09 16.17
C ASN B 131 6.05 12.90 17.65
N LYS B 132 7.33 12.92 18.01
CA LYS B 132 7.72 12.77 19.41
C LYS B 132 8.22 14.10 19.97
N THR B 133 7.50 15.18 19.64
CA THR B 133 7.84 16.50 20.14
C THR B 133 6.60 17.39 20.13
N GLU B 134 5.93 17.46 18.99
CA GLU B 134 4.74 18.27 18.83
C GLU B 134 3.49 17.48 19.23
N GLN B 152 1.52 -7.39 5.73
CA GLN B 152 1.81 -5.99 6.01
C GLN B 152 2.05 -5.76 7.50
N ILE B 153 1.29 -6.46 8.34
CA ILE B 153 1.51 -6.41 9.78
C ILE B 153 2.91 -6.91 10.10
N GLU B 154 3.30 -8.01 9.44
CA GLU B 154 4.63 -8.57 9.58
C GLU B 154 5.69 -7.52 9.21
N GLU B 155 5.42 -6.79 8.13
CA GLU B 155 6.33 -5.76 7.65
C GLU B 155 6.40 -4.58 8.63
N ASN B 156 5.39 -4.47 9.48
CA ASN B 156 5.36 -3.44 10.51
C ASN B 156 5.91 -3.98 11.83
N GLU B 157 6.40 -5.22 11.81
CA GLU B 157 6.95 -5.87 12.99
C GLU B 157 8.45 -5.61 13.10
N GLU B 158 9.13 -5.60 11.95
CA GLU B 158 10.57 -5.42 11.93
C GLU B 158 10.92 -3.93 11.96
N PHE B 159 12.00 -3.61 12.65
CA PHE B 159 12.41 -2.22 12.84
C PHE B 159 13.91 -2.08 12.71
N VAL B 160 14.37 -0.87 12.42
CA VAL B 160 15.78 -0.56 12.41
C VAL B 160 16.01 0.71 13.22
N THR B 161 17.20 0.84 13.78
CA THR B 161 17.52 1.99 14.61
C THR B 161 18.67 2.79 14.01
N LEU B 162 18.35 3.99 13.53
CA LEU B 162 19.34 4.85 12.90
C LEU B 162 20.31 5.41 13.93
N ASP B 163 21.33 6.12 13.48
CA ASP B 163 22.38 6.61 14.35
C ASP B 163 21.97 7.86 15.11
N ASP B 164 20.69 7.92 15.51
CA ASP B 164 20.18 9.07 16.25
C ASP B 164 19.08 8.64 17.20
N GLY B 165 18.76 7.36 17.19
CA GLY B 165 17.73 6.82 18.05
C GLY B 165 16.39 6.68 17.34
N THR B 166 16.27 7.30 16.18
CA THR B 166 15.05 7.17 15.39
C THR B 166 14.86 5.73 14.97
N THR B 167 13.76 5.12 15.41
CA THR B 167 13.44 3.76 14.99
C THR B 167 12.27 3.78 14.03
N ILE B 168 12.20 2.78 13.16
CA ILE B 168 11.16 2.73 12.15
C ILE B 168 10.98 1.32 11.59
N SER B 169 9.79 1.02 11.12
CA SER B 169 9.49 -0.30 10.57
C SER B 169 9.66 -0.30 9.05
N ALA B 170 9.77 -1.49 8.48
CA ALA B 170 9.91 -1.63 7.03
C ALA B 170 8.72 -1.00 6.33
N LEU B 171 7.57 -0.98 7.00
CA LEU B 171 6.36 -0.46 6.40
C LEU B 171 6.42 1.06 6.31
N GLU B 172 6.71 1.70 7.43
CA GLU B 172 6.79 3.15 7.48
C GLU B 172 7.84 3.64 6.50
N TYR B 173 9.01 3.00 6.52
CA TYR B 173 10.10 3.34 5.61
C TYR B 173 9.66 3.22 4.15
N GLU B 174 8.94 2.14 3.84
CA GLU B 174 8.46 1.93 2.48
C GLU B 174 7.46 3.00 2.06
N ARG B 175 6.59 3.40 2.98
CA ARG B 175 5.59 4.42 2.68
C ARG B 175 6.29 5.74 2.40
N ILE B 176 7.38 5.98 3.12
CA ILE B 176 8.19 7.17 2.92
C ILE B 176 8.77 7.19 1.51
N LEU B 177 9.26 6.03 1.06
CA LEU B 177 9.77 5.90 -0.30
C LEU B 177 8.71 6.27 -1.31
N LYS B 178 7.52 5.70 -1.16
CA LYS B 178 6.44 5.96 -2.10
C LYS B 178 6.15 7.46 -2.19
N GLU B 179 6.09 8.12 -1.05
CA GLU B 179 5.85 9.56 -1.00
C GLU B 179 6.86 10.33 -1.85
N LEU B 180 8.11 9.87 -1.84
CA LEU B 180 9.20 10.53 -2.55
C LEU B 180 9.24 10.19 -4.03
N ASP B 181 8.48 9.18 -4.42
CA ASP B 181 8.50 8.68 -5.79
C ASP B 181 7.19 8.00 -6.12
N LYS B 182 6.09 8.75 -6.10
CA LYS B 182 4.77 8.19 -6.29
C LYS B 182 4.56 7.67 -7.71
N GLU B 183 5.02 8.44 -8.70
CA GLU B 183 4.85 8.09 -10.10
C GLU B 183 5.87 7.05 -10.57
N ASN B 184 6.58 6.45 -9.61
CA ASN B 184 7.55 5.41 -9.91
C ASN B 184 8.55 5.77 -11.00
N LYS B 185 8.89 7.05 -11.10
CA LYS B 185 9.83 7.50 -12.11
C LYS B 185 11.28 7.21 -11.73
N ALA B 186 11.52 6.96 -10.45
CA ALA B 186 12.86 6.68 -9.95
C ALA B 186 13.08 5.19 -9.75
N LEU B 187 12.07 4.52 -9.21
CA LEU B 187 12.12 3.08 -8.98
C LEU B 187 10.75 2.47 -9.20
N SER B 188 10.69 1.14 -9.07
CA SER B 188 9.43 0.44 -9.26
C SER B 188 8.80 0.12 -7.92
N GLU B 189 7.56 -0.38 -7.95
CA GLU B 189 6.85 -0.73 -6.74
C GLU B 189 7.64 -1.78 -5.96
N SER B 190 8.03 -2.85 -6.64
CA SER B 190 8.72 -3.98 -5.99
C SER B 190 10.13 -3.61 -5.57
N ASP B 191 10.78 -2.74 -6.34
CA ASP B 191 12.10 -2.24 -5.98
C ASP B 191 12.07 -1.43 -4.67
N LYS B 192 11.01 -0.66 -4.47
CA LYS B 192 10.88 0.11 -3.24
C LYS B 192 10.60 -0.81 -2.06
N ARG B 193 9.93 -1.91 -2.32
CA ARG B 193 9.56 -2.84 -1.27
C ARG B 193 10.74 -3.72 -0.92
N LYS B 194 11.47 -4.15 -1.95
CA LYS B 194 12.69 -4.92 -1.78
C LYS B 194 13.70 -4.11 -0.99
N MSE B 195 13.88 -2.85 -1.39
CA MSE B 195 14.85 -1.99 -0.74
C MSE B 195 14.46 -1.73 0.70
O MSE B 195 15.30 -1.76 1.59
CB MSE B 195 14.99 -0.66 -1.49
CG MSE B 195 16.29 0.07 -1.16
SE MSE B 195 16.04 1.70 -0.10
CE MSE B 195 15.50 2.89 -1.55
N ALA B 196 13.16 -1.51 0.94
CA ALA B 196 12.66 -1.23 2.27
C ALA B 196 12.89 -2.41 3.22
N ILE B 197 12.59 -3.61 2.75
CA ILE B 197 12.79 -4.81 3.54
C ILE B 197 14.26 -5.04 3.86
N LEU B 198 15.13 -4.84 2.87
CA LEU B 198 16.55 -5.00 3.09
C LEU B 198 17.06 -3.92 4.04
N ARG B 199 16.58 -2.70 3.86
CA ARG B 199 17.06 -1.57 4.63
C ARG B 199 16.81 -1.77 6.11
N ILE B 200 15.69 -2.40 6.44
CA ILE B 200 15.27 -2.59 7.83
C ILE B 200 15.75 -3.92 8.41
N ASN B 201 15.59 -4.99 7.64
CA ASN B 201 15.94 -6.32 8.12
C ASN B 201 17.43 -6.63 8.02
N THR B 202 18.06 -6.14 6.95
CA THR B 202 19.44 -6.52 6.65
C THR B 202 20.27 -5.35 6.08
N PRO B 203 20.53 -4.33 6.90
CA PRO B 203 21.28 -3.13 6.51
C PRO B 203 22.66 -3.46 5.94
N TRP B 204 23.35 -4.39 6.57
CA TRP B 204 24.68 -4.81 6.14
C TRP B 204 24.65 -5.36 4.72
N LEU B 205 23.49 -5.88 4.33
CA LEU B 205 23.32 -6.44 3.00
C LEU B 205 23.03 -5.35 1.98
N LEU B 206 22.25 -4.36 2.40
CA LEU B 206 21.92 -3.24 1.51
C LEU B 206 23.18 -2.46 1.14
N LYS B 207 24.08 -2.32 2.12
CA LYS B 207 25.33 -1.58 1.91
C LYS B 207 26.11 -2.07 0.69
N TYR B 208 25.95 -3.33 0.33
CA TYR B 208 26.62 -3.88 -0.83
C TYR B 208 26.07 -3.29 -2.13
N VAL B 209 24.77 -3.02 -2.13
CA VAL B 209 24.11 -2.38 -3.26
C VAL B 209 24.44 -0.89 -3.29
N THR B 210 24.69 -0.34 -2.12
CA THR B 210 24.92 1.09 -1.95
C THR B 210 26.39 1.44 -2.15
N ASP B 211 27.26 0.55 -1.72
CA ASP B 211 28.70 0.77 -1.79
C ASP B 211 29.16 0.99 -3.22
N GLN B 212 29.80 2.13 -3.45
CA GLN B 212 30.33 2.48 -4.76
C GLN B 212 31.32 1.43 -5.25
N LYS B 213 31.97 0.76 -4.31
CA LYS B 213 32.99 -0.24 -4.64
C LYS B 213 32.39 -1.47 -5.30
N TYR B 214 31.14 -1.79 -4.95
CA TYR B 214 30.56 -3.05 -5.39
C TYR B 214 29.38 -2.86 -6.34
N LYS B 215 28.47 -1.96 -6.00
CA LYS B 215 27.28 -1.71 -6.82
C LYS B 215 26.51 -3.00 -7.09
N VAL B 216 26.61 -3.95 -6.19
CA VAL B 216 25.80 -5.18 -6.28
C VAL B 216 24.34 -4.82 -6.59
N PRO B 217 23.78 -5.43 -7.64
CA PRO B 217 22.40 -5.12 -8.04
C PRO B 217 21.41 -5.42 -6.91
N LEU B 218 20.43 -4.56 -6.74
CA LEU B 218 19.40 -4.72 -5.72
C LEU B 218 18.71 -6.07 -5.85
N ASP B 219 18.10 -6.30 -7.01
CA ASP B 219 17.29 -7.49 -7.23
C ASP B 219 18.10 -8.75 -6.96
N GLN B 220 19.41 -8.64 -7.19
CA GLN B 220 20.33 -9.74 -6.91
C GLN B 220 20.57 -9.87 -5.40
N ALA B 221 20.66 -8.73 -4.72
CA ALA B 221 20.87 -8.71 -3.28
C ALA B 221 19.64 -9.28 -2.58
N PHE B 222 18.47 -8.98 -3.11
CA PHE B 222 17.21 -9.42 -2.51
C PHE B 222 17.00 -10.93 -2.69
N ARG B 223 17.46 -11.45 -3.82
CA ARG B 223 17.42 -12.90 -4.03
C ARG B 223 18.25 -13.61 -2.97
N ILE B 224 19.40 -13.02 -2.66
CA ILE B 224 20.28 -13.55 -1.61
C ILE B 224 19.57 -13.54 -0.27
N TYR B 225 18.86 -12.44 0.01
CA TYR B 225 18.12 -12.30 1.26
C TYR B 225 17.12 -13.43 1.45
N THR B 226 16.13 -13.49 0.55
CA THR B 226 15.07 -14.49 0.65
C THR B 226 15.65 -15.91 0.66
N ARG B 227 16.71 -16.12 -0.10
CA ARG B 227 17.39 -17.40 -0.15
C ARG B 227 17.96 -17.78 1.22
N VAL B 228 18.89 -16.97 1.71
CA VAL B 228 19.58 -17.25 2.96
C VAL B 228 18.65 -17.29 4.17
N LYS B 229 17.47 -16.67 4.05
CA LYS B 229 16.53 -16.67 5.16
C LYS B 229 15.61 -17.90 5.13
N ASP B 230 15.57 -18.58 3.99
CA ASP B 230 14.85 -19.84 3.89
C ASP B 230 15.72 -20.97 4.44
N MSE B 231 17.02 -20.87 4.18
CA MSE B 231 17.98 -21.85 4.67
C MSE B 231 18.21 -21.69 6.17
O MSE B 231 18.97 -22.44 6.79
CB MSE B 231 19.32 -21.72 3.94
CG MSE B 231 19.22 -21.52 2.44
SE MSE B 231 18.57 -23.08 1.46
CE MSE B 231 16.64 -22.86 1.74
N GLY B 232 17.56 -20.68 6.76
CA GLY B 232 17.72 -20.38 8.17
C GLY B 232 19.14 -19.99 8.54
N ILE B 233 19.82 -19.30 7.62
CA ILE B 233 21.22 -18.94 7.84
C ILE B 233 21.48 -17.46 7.56
N LEU B 234 20.47 -16.62 7.80
CA LEU B 234 20.62 -15.19 7.64
C LEU B 234 21.77 -14.66 8.50
N ASP B 235 21.79 -15.08 9.76
CA ASP B 235 22.77 -14.57 10.73
C ASP B 235 24.18 -15.14 10.54
N LYS B 236 24.25 -16.38 10.06
CA LYS B 236 25.55 -16.99 9.79
C LYS B 236 26.22 -16.22 8.67
N LEU B 237 25.46 -15.87 7.64
CA LEU B 237 25.97 -15.09 6.52
C LEU B 237 26.38 -13.69 6.99
N LYS B 238 25.50 -13.05 7.76
CA LYS B 238 25.77 -11.70 8.26
C LYS B 238 27.00 -11.67 9.16
N ASP B 239 27.17 -12.72 9.97
CA ASP B 239 28.26 -12.77 10.94
C ASP B 239 29.54 -13.33 10.33
N LEU B 240 29.46 -13.71 9.06
CA LEU B 240 30.62 -14.20 8.34
C LEU B 240 31.70 -13.14 8.36
N ALA B 241 32.96 -13.56 8.31
CA ALA B 241 34.08 -12.63 8.24
C ALA B 241 34.12 -11.98 6.86
N PRO B 242 34.41 -10.68 6.81
CA PRO B 242 34.43 -9.94 5.54
C PRO B 242 35.25 -10.66 4.47
N ALA B 243 36.35 -11.28 4.87
CA ALA B 243 37.21 -12.02 3.95
C ALA B 243 36.43 -13.08 3.17
N LEU B 244 35.38 -13.60 3.81
CA LEU B 244 34.57 -14.64 3.20
C LEU B 244 33.25 -14.08 2.66
N ARG B 245 32.66 -13.14 3.40
CA ARG B 245 31.35 -12.59 3.04
C ARG B 245 31.42 -11.69 1.80
N ASP B 246 32.48 -10.90 1.68
CA ASP B 246 32.62 -10.00 0.55
C ASP B 246 32.63 -10.74 -0.79
N PRO B 247 33.54 -11.72 -0.94
CA PRO B 247 33.63 -12.43 -2.23
C PRO B 247 32.38 -13.25 -2.53
N LEU B 248 31.76 -13.78 -1.48
CA LEU B 248 30.56 -14.59 -1.62
C LEU B 248 29.39 -13.79 -2.15
N ILE B 249 29.42 -12.47 -1.95
CA ILE B 249 28.28 -11.61 -2.28
C ILE B 249 28.54 -10.68 -3.45
N THR B 250 29.72 -10.07 -3.47
CA THR B 250 30.03 -9.04 -4.46
C THR B 250 30.43 -9.65 -5.79
N THR B 251 30.54 -10.96 -5.82
CA THR B 251 30.93 -11.65 -7.03
C THR B 251 29.82 -12.57 -7.52
N ARG B 252 29.70 -12.71 -8.83
CA ARG B 252 28.77 -13.65 -9.42
C ARG B 252 29.15 -15.09 -9.04
N GLU B 253 30.45 -15.35 -9.01
CA GLU B 253 30.97 -16.65 -8.59
C GLU B 253 30.49 -17.00 -7.19
N GLY B 254 30.47 -16.00 -6.31
CA GLY B 254 30.05 -16.21 -4.93
C GLY B 254 28.56 -16.41 -4.80
N ARG B 255 27.79 -15.69 -5.61
CA ARG B 255 26.34 -15.77 -5.53
C ARG B 255 25.83 -17.16 -5.90
N LYS B 256 26.39 -17.75 -6.95
CA LYS B 256 26.08 -19.12 -7.32
C LYS B 256 26.14 -20.03 -6.09
N ILE B 257 27.23 -19.91 -5.33
CA ILE B 257 27.38 -20.73 -4.12
C ILE B 257 26.23 -20.53 -3.15
N ILE B 258 25.74 -19.30 -3.07
CA ILE B 258 24.61 -18.96 -2.19
C ILE B 258 23.27 -19.35 -2.79
N LEU B 259 23.16 -19.23 -4.12
CA LEU B 259 21.86 -19.35 -4.79
C LEU B 259 21.61 -20.72 -5.42
N ASN B 260 22.53 -21.16 -6.28
CA ASN B 260 22.41 -22.47 -6.91
C ASN B 260 22.50 -23.60 -5.90
N ASP B 261 21.45 -24.43 -5.85
CA ASP B 261 21.35 -25.50 -4.87
C ASP B 261 22.41 -26.59 -5.00
N GLU B 262 23.00 -26.74 -6.17
CA GLU B 262 23.99 -27.79 -6.36
C GLU B 262 25.31 -27.42 -5.66
N TYR B 263 25.29 -26.34 -4.89
CA TYR B 263 26.48 -25.94 -4.14
C TYR B 263 26.19 -25.82 -2.65
N ARG B 264 25.15 -26.50 -2.18
CA ARG B 264 24.78 -26.48 -0.77
C ARG B 264 25.93 -26.86 0.15
N ASP B 265 26.60 -27.97 -0.18
CA ASP B 265 27.68 -28.48 0.66
C ASP B 265 28.77 -27.43 0.89
N LEU B 266 29.16 -26.77 -0.20
CA LEU B 266 30.17 -25.72 -0.13
C LEU B 266 29.70 -24.56 0.76
N MSE B 267 28.48 -24.12 0.55
CA MSE B 267 27.88 -23.06 1.35
C MSE B 267 27.91 -23.37 2.85
O MSE B 267 28.44 -22.59 3.64
CB MSE B 267 26.42 -22.83 0.91
CG MSE B 267 26.21 -21.50 0.21
SE MSE B 267 26.65 -19.97 1.32
CE MSE B 267 25.13 -20.04 2.53
N GLU B 268 27.35 -24.51 3.23
CA GLU B 268 27.34 -24.94 4.62
C GLU B 268 28.74 -24.93 5.20
N LYS B 269 29.73 -25.23 4.36
CA LYS B 269 31.11 -25.24 4.78
C LYS B 269 31.61 -23.81 5.00
N ILE B 270 31.37 -22.95 4.02
CA ILE B 270 31.74 -21.54 4.10
C ILE B 270 31.19 -20.92 5.39
N ILE B 271 29.90 -21.14 5.63
CA ILE B 271 29.22 -20.63 6.83
C ILE B 271 29.96 -21.01 8.10
N SER B 272 30.47 -22.25 8.14
CA SER B 272 31.33 -22.70 9.22
C SER B 272 31.73 -24.15 8.98
N MSE C 4 9.46 -43.30 -7.04
CA MSE C 4 10.06 -42.64 -8.19
C MSE C 4 9.45 -41.26 -8.43
O MSE C 4 9.88 -40.53 -9.33
CB MSE C 4 9.91 -43.50 -9.45
CG MSE C 4 10.62 -44.86 -9.37
SE MSE C 4 9.65 -46.20 -8.33
CE MSE C 4 8.16 -46.52 -9.56
N THR C 5 8.44 -40.92 -7.63
CA THR C 5 7.74 -39.63 -7.75
C THR C 5 6.93 -39.56 -9.04
N GLU C 6 7.19 -40.49 -9.96
CA GLU C 6 6.49 -40.54 -11.23
C GLU C 6 5.48 -41.69 -11.23
N LEU C 7 4.21 -41.36 -11.12
CA LEU C 7 3.15 -42.36 -11.02
C LEU C 7 2.71 -42.87 -12.39
N THR C 8 2.46 -44.18 -12.46
CA THR C 8 1.95 -44.80 -13.68
C THR C 8 0.65 -45.55 -13.39
N TYR C 9 -0.31 -45.46 -14.30
CA TYR C 9 -1.56 -46.17 -14.15
C TYR C 9 -2.17 -46.55 -15.50
N THR C 10 -3.04 -47.55 -15.47
CA THR C 10 -3.74 -47.97 -16.67
C THR C 10 -5.25 -48.02 -16.41
N GLU C 11 -6.01 -47.32 -17.25
CA GLU C 11 -7.46 -47.33 -17.15
C GLU C 11 -8.01 -48.58 -17.83
N GLU C 12 -8.84 -49.33 -17.11
CA GLU C 12 -9.39 -50.57 -17.66
C GLU C 12 -10.78 -50.87 -17.08
N VAL C 13 -11.45 -51.86 -17.66
CA VAL C 13 -12.75 -52.30 -17.17
C VAL C 13 -12.66 -53.71 -16.65
N VAL C 14 -12.95 -53.89 -15.36
CA VAL C 14 -12.82 -55.17 -14.71
C VAL C 14 -14.15 -55.62 -14.09
N SER C 15 -14.22 -56.90 -13.74
CA SER C 15 -15.41 -57.44 -13.10
C SER C 15 -15.68 -56.73 -11.78
N ILE C 16 -16.96 -56.48 -11.50
CA ILE C 16 -17.34 -55.71 -10.32
C ILE C 16 -17.00 -56.42 -9.02
N GLU C 17 -16.90 -57.74 -9.07
CA GLU C 17 -16.59 -58.54 -7.89
C GLU C 17 -15.10 -58.60 -7.62
N LYS C 18 -14.31 -58.11 -8.56
CA LYS C 18 -12.85 -58.24 -8.47
C LYS C 18 -12.25 -57.31 -7.42
N LEU C 19 -12.83 -56.13 -7.26
CA LEU C 19 -12.30 -55.13 -6.34
C LEU C 19 -12.31 -55.61 -4.88
N LYS C 20 -11.16 -55.49 -4.23
CA LYS C 20 -10.99 -55.90 -2.84
C LYS C 20 -11.13 -54.69 -1.92
N GLU C 21 -11.78 -54.89 -0.78
CA GLU C 21 -12.03 -53.81 0.15
C GLU C 21 -10.94 -53.67 1.21
N ASP C 22 -10.65 -52.43 1.60
CA ASP C 22 -9.69 -52.15 2.67
C ASP C 22 -10.30 -51.18 3.68
N ASP C 23 -10.31 -51.58 4.95
CA ASP C 23 -10.93 -50.77 6.00
C ASP C 23 -10.18 -49.48 6.31
N GLU C 24 -8.91 -49.42 5.93
CA GLU C 24 -8.11 -48.22 6.16
C GLU C 24 -8.46 -47.11 5.18
N PHE C 25 -9.15 -47.48 4.10
CA PHE C 25 -9.56 -46.53 3.08
C PHE C 25 -11.08 -46.38 3.07
N LYS C 26 -11.77 -47.46 3.41
CA LYS C 26 -13.23 -47.45 3.44
C LYS C 26 -13.74 -46.45 4.46
N THR C 27 -13.02 -46.35 5.57
CA THR C 27 -13.43 -45.44 6.64
C THR C 27 -12.86 -44.05 6.38
N MSE C 28 -12.04 -43.95 5.34
CA MSE C 28 -11.23 -42.75 5.13
C MSE C 28 -12.02 -41.46 4.98
O MSE C 28 -11.75 -40.49 5.72
CB MSE C 28 -10.24 -42.95 3.97
CG MSE C 28 -8.82 -42.84 4.41
SE MSE C 28 -8.65 -41.36 5.66
CE MSE C 28 -7.74 -42.30 7.08
N VAL C 29 -12.95 -41.41 4.05
CA VAL C 29 -13.75 -40.21 3.90
C VAL C 29 -14.99 -40.27 4.79
N ASN C 32 -22.70 -39.49 5.32
CA ASN C 32 -24.10 -39.06 5.24
C ASN C 32 -24.25 -37.79 4.41
N ASN C 33 -23.61 -37.78 3.24
CA ASN C 33 -23.65 -36.60 2.37
C ASN C 33 -24.34 -36.79 1.02
N SER C 34 -23.72 -37.56 0.13
CA SER C 34 -24.22 -37.67 -1.24
C SER C 34 -24.61 -39.09 -1.63
N ARG C 35 -25.22 -39.83 -0.70
CA ARG C 35 -25.59 -41.22 -0.96
C ARG C 35 -26.61 -41.35 -2.09
N GLU C 36 -27.85 -40.99 -1.82
CA GLU C 36 -28.93 -41.15 -2.80
C GLU C 36 -28.78 -40.18 -3.97
N ASP C 37 -28.00 -39.12 -3.76
CA ASP C 37 -27.82 -38.10 -4.77
C ASP C 37 -26.93 -38.60 -5.91
N LEU C 38 -26.08 -39.57 -5.59
CA LEU C 38 -25.06 -40.00 -6.54
C LEU C 38 -25.54 -41.10 -7.48
N GLU C 39 -26.40 -41.97 -6.98
CA GLU C 39 -26.95 -43.03 -7.81
C GLU C 39 -27.99 -42.45 -8.77
N LYS C 40 -28.17 -41.14 -8.67
CA LYS C 40 -29.00 -40.40 -9.61
C LYS C 40 -28.40 -40.55 -11.01
N SER C 41 -27.23 -39.95 -11.22
CA SER C 41 -26.57 -40.01 -12.52
C SER C 41 -26.07 -41.41 -12.85
N LEU C 42 -25.78 -42.19 -11.82
CA LEU C 42 -25.33 -43.56 -12.01
C LEU C 42 -26.42 -44.39 -12.68
N ARG C 43 -27.53 -44.55 -11.97
CA ARG C 43 -28.68 -45.28 -12.51
C ARG C 43 -29.09 -44.68 -13.84
N GLU C 44 -29.03 -43.36 -13.90
CA GLU C 44 -29.50 -42.62 -15.06
C GLU C 44 -28.62 -42.85 -16.28
N LYS C 45 -27.35 -42.47 -16.16
CA LYS C 45 -26.42 -42.48 -17.29
C LYS C 45 -25.12 -43.22 -17.00
N SER C 46 -25.18 -44.21 -16.11
CA SER C 46 -24.07 -45.15 -15.92
C SER C 46 -22.87 -44.57 -15.18
N GLN C 47 -21.76 -45.32 -15.14
CA GLN C 47 -20.55 -44.90 -14.44
C GLN C 47 -19.82 -43.80 -15.21
N ILE C 48 -19.81 -42.60 -14.64
CA ILE C 48 -19.23 -41.44 -15.31
C ILE C 48 -17.72 -41.32 -15.05
N PHE C 49 -17.32 -41.54 -13.81
CA PHE C 49 -15.92 -41.44 -13.42
C PHE C 49 -15.40 -42.78 -12.91
N PRO C 50 -14.15 -43.11 -13.27
CA PRO C 50 -13.51 -44.37 -12.89
C PRO C 50 -13.13 -44.36 -11.41
N LEU C 51 -13.00 -45.55 -10.81
CA LEU C 51 -12.56 -45.65 -9.44
C LEU C 51 -11.04 -45.69 -9.40
N ILE C 52 -10.47 -45.67 -8.19
CA ILE C 52 -9.02 -45.73 -8.05
C ILE C 52 -8.60 -47.02 -7.34
N ALA C 53 -7.70 -47.77 -7.96
CA ALA C 53 -7.21 -49.04 -7.38
C ALA C 53 -5.71 -49.24 -7.59
N ASP C 54 -5.11 -50.10 -6.78
CA ASP C 54 -3.69 -50.39 -6.90
C ASP C 54 -3.44 -51.60 -7.80
N ARG C 55 -2.21 -52.13 -7.73
CA ARG C 55 -1.80 -53.27 -8.55
C ARG C 55 -2.66 -54.51 -8.32
N ASN C 56 -2.94 -54.82 -7.06
CA ASN C 56 -3.72 -56.00 -6.72
C ASN C 56 -5.21 -55.69 -6.64
N TYR C 57 -5.62 -54.60 -7.29
CA TYR C 57 -7.03 -54.27 -7.37
C TYR C 57 -7.65 -54.02 -6.00
N VAL C 58 -6.93 -53.28 -5.15
CA VAL C 58 -7.48 -52.84 -3.89
C VAL C 58 -8.14 -51.48 -4.09
N LEU C 59 -9.38 -51.34 -3.61
CA LEU C 59 -10.11 -50.09 -3.78
C LEU C 59 -9.47 -48.99 -2.95
N ILE C 60 -9.08 -47.90 -3.62
CA ILE C 60 -8.50 -46.75 -2.94
C ILE C 60 -9.51 -45.63 -2.80
N ASP C 61 -10.28 -45.40 -3.86
CA ASP C 61 -11.23 -44.30 -3.90
C ASP C 61 -12.46 -44.67 -4.74
N GLY C 62 -13.64 -44.52 -4.14
CA GLY C 62 -14.88 -44.78 -4.85
C GLY C 62 -15.73 -45.87 -4.21
N TYR C 63 -15.60 -46.02 -2.90
CA TYR C 63 -16.27 -47.10 -2.18
C TYR C 63 -17.79 -47.03 -2.27
N THR C 64 -18.38 -45.94 -1.78
CA THR C 64 -19.82 -45.80 -1.82
C THR C 64 -20.35 -45.88 -3.25
N ARG C 65 -19.56 -45.39 -4.21
CA ARG C 65 -19.92 -45.49 -5.62
C ARG C 65 -19.94 -46.94 -6.06
N LEU C 66 -19.07 -47.75 -5.47
CA LEU C 66 -19.03 -49.18 -5.76
C LEU C 66 -20.25 -49.89 -5.19
N ASP C 67 -20.53 -49.64 -3.91
CA ASP C 67 -21.65 -50.26 -3.23
C ASP C 67 -22.96 -50.05 -4.01
N ILE C 68 -23.15 -48.84 -4.51
CA ILE C 68 -24.33 -48.51 -5.29
C ILE C 68 -24.37 -49.27 -6.63
N MSE C 69 -23.22 -49.36 -7.29
CA MSE C 69 -23.15 -50.06 -8.57
C MSE C 69 -23.42 -51.55 -8.44
O MSE C 69 -24.08 -52.13 -9.30
CB MSE C 69 -21.79 -49.82 -9.24
CG MSE C 69 -21.67 -48.47 -9.95
SE MSE C 69 -20.02 -48.29 -10.98
CE MSE C 69 -18.76 -48.23 -9.48
N LYS C 70 -22.94 -52.15 -7.37
CA LYS C 70 -23.21 -53.56 -7.11
C LYS C 70 -24.70 -53.79 -6.87
N LYS C 71 -25.32 -52.91 -6.08
CA LYS C 71 -26.72 -53.02 -5.76
C LYS C 71 -27.61 -52.45 -6.85
N LEU C 72 -27.00 -52.08 -7.97
CA LEU C 72 -27.73 -51.56 -9.12
C LEU C 72 -27.70 -52.57 -10.27
N GLY C 73 -26.93 -53.63 -10.09
CA GLY C 73 -26.82 -54.67 -11.11
C GLY C 73 -25.79 -54.35 -12.18
N PHE C 74 -24.66 -53.79 -11.78
CA PHE C 74 -23.59 -53.46 -12.72
C PHE C 74 -22.66 -54.64 -12.96
N LYS C 75 -22.46 -54.98 -14.21
CA LYS C 75 -21.62 -56.11 -14.59
C LYS C 75 -20.14 -55.80 -14.32
N GLU C 76 -19.71 -54.63 -14.76
CA GLU C 76 -18.32 -54.23 -14.61
C GLU C 76 -18.15 -52.73 -14.41
N VAL C 77 -17.02 -52.35 -13.82
CA VAL C 77 -16.75 -50.95 -13.51
C VAL C 77 -15.45 -50.43 -14.12
N LYS C 78 -15.46 -49.17 -14.54
CA LYS C 78 -14.26 -48.53 -15.05
C LYS C 78 -13.35 -48.13 -13.89
N ILE C 79 -12.06 -48.41 -14.01
CA ILE C 79 -11.11 -48.05 -12.96
C ILE C 79 -9.79 -47.54 -13.52
N LEU C 80 -8.99 -46.95 -12.64
CA LEU C 80 -7.61 -46.62 -12.94
C LEU C 80 -6.73 -47.49 -12.05
N LYS C 81 -5.96 -48.38 -12.66
CA LYS C 81 -5.06 -49.24 -11.91
C LYS C 81 -3.68 -48.62 -11.83
N TYR C 82 -3.29 -48.17 -10.64
CA TYR C 82 -1.98 -47.59 -10.41
C TYR C 82 -0.93 -48.66 -10.15
N ASP C 83 0.25 -48.48 -10.73
CA ASP C 83 1.32 -49.47 -10.61
C ASP C 83 2.05 -49.37 -9.28
N PHE C 84 1.39 -49.85 -8.22
CA PHE C 84 1.99 -50.01 -6.91
C PHE C 84 0.95 -50.69 -6.03
N ASP C 85 1.35 -51.18 -4.87
CA ASP C 85 0.35 -51.79 -3.97
C ASP C 85 0.23 -51.04 -2.66
N SER C 86 -0.94 -51.14 -2.06
CA SER C 86 -1.28 -50.38 -0.87
C SER C 86 -0.57 -50.88 0.38
N GLN C 87 -0.77 -52.16 0.70
CA GLN C 87 -0.23 -52.72 1.93
C GLN C 87 1.27 -52.49 2.09
N GLN C 88 1.96 -52.28 0.98
CA GLN C 88 3.40 -52.03 1.01
C GLN C 88 3.72 -50.54 0.97
N GLU C 89 2.82 -49.76 0.39
CA GLU C 89 3.00 -48.31 0.31
C GLU C 89 1.73 -47.57 0.72
N ARG C 90 1.33 -47.76 1.97
CA ARG C 90 0.19 -47.05 2.53
C ARG C 90 0.32 -45.56 2.28
N ASP C 91 1.56 -45.09 2.19
CA ASP C 91 1.84 -43.67 2.00
C ASP C 91 1.19 -43.15 0.73
N LYS C 92 1.50 -43.80 -0.39
CA LYS C 92 0.95 -43.38 -1.68
C LYS C 92 -0.57 -43.44 -1.68
N ALA C 93 -1.12 -44.50 -1.08
CA ALA C 93 -2.56 -44.71 -1.06
C ALA C 93 -3.29 -43.52 -0.44
N TYR C 94 -2.88 -43.13 0.76
CA TYR C 94 -3.46 -41.98 1.45
C TYR C 94 -3.28 -40.70 0.65
N GLU C 95 -2.13 -40.57 0.00
CA GLU C 95 -1.85 -39.40 -0.84
C GLU C 95 -2.86 -39.27 -1.97
N LEU C 96 -3.14 -40.40 -2.64
CA LEU C 96 -4.08 -40.42 -3.74
C LEU C 96 -5.49 -40.09 -3.27
N ILE C 97 -5.90 -40.66 -2.15
CA ILE C 97 -7.20 -40.37 -1.57
C ILE C 97 -7.40 -38.86 -1.48
N TRP C 98 -6.34 -38.16 -1.07
CA TRP C 98 -6.38 -36.71 -0.93
C TRP C 98 -6.24 -35.98 -2.27
N THR C 99 -5.60 -36.62 -3.24
CA THR C 99 -5.41 -36.01 -4.55
C THR C 99 -6.72 -35.96 -5.34
N PHE C 100 -7.62 -36.88 -5.04
CA PHE C 100 -8.90 -36.95 -5.74
C PHE C 100 -10.02 -36.32 -4.94
N ASN C 101 -9.80 -36.12 -3.65
CA ASN C 101 -10.81 -35.57 -2.77
C ASN C 101 -10.50 -34.16 -2.30
N GLY C 102 -9.25 -33.75 -2.46
CA GLY C 102 -8.82 -32.42 -2.05
C GLY C 102 -9.08 -31.38 -3.12
N VAL C 103 -8.90 -31.77 -4.37
CA VAL C 103 -9.16 -30.87 -5.50
C VAL C 103 -10.63 -30.95 -5.90
N ARG C 104 -11.27 -32.06 -5.53
CA ARG C 104 -12.68 -32.27 -5.86
C ARG C 104 -13.57 -31.32 -5.08
N ARG C 105 -13.81 -30.14 -5.66
CA ARG C 105 -14.62 -29.11 -5.00
C ARG C 105 -16.10 -29.47 -4.92
N GLN C 106 -16.46 -30.21 -3.87
CA GLN C 106 -17.85 -30.54 -3.62
C GLN C 106 -18.15 -30.45 -2.12
N LEU C 107 -17.12 -30.61 -1.31
CA LEU C 107 -17.23 -30.41 0.14
C LEU C 107 -16.47 -29.17 0.58
N ASP C 108 -17.05 -28.45 1.53
CA ASP C 108 -16.47 -27.17 1.97
C ASP C 108 -15.11 -27.31 2.66
N LYS C 109 -14.40 -26.20 2.73
CA LYS C 109 -13.06 -26.16 3.29
C LYS C 109 -12.95 -26.91 4.63
N ASN C 110 -13.93 -26.68 5.51
CA ASN C 110 -13.94 -27.35 6.81
C ASN C 110 -14.01 -28.86 6.69
N GLU C 111 -14.72 -29.32 5.66
CA GLU C 111 -14.93 -30.74 5.45
C GLU C 111 -13.68 -31.42 4.93
N ARG C 112 -13.00 -30.76 4.00
CA ARG C 112 -11.77 -31.30 3.43
C ARG C 112 -10.61 -31.20 4.42
N LEU C 113 -10.64 -30.16 5.25
CA LEU C 113 -9.62 -29.98 6.28
C LEU C 113 -9.67 -31.12 7.30
N ALA C 114 -10.89 -31.50 7.69
CA ALA C 114 -11.07 -32.63 8.61
C ALA C 114 -10.51 -33.91 8.00
N LEU C 115 -10.74 -34.09 6.70
CA LEU C 115 -10.22 -35.24 5.99
C LEU C 115 -8.70 -35.17 5.98
N PHE C 116 -8.21 -33.98 5.65
CA PHE C 116 -6.77 -33.72 5.56
C PHE C 116 -6.08 -34.10 6.87
N GLN C 117 -6.76 -33.87 7.97
CA GLN C 117 -6.20 -34.17 9.28
C GLN C 117 -6.25 -35.66 9.56
N LYS C 118 -7.37 -36.28 9.24
CA LYS C 118 -7.54 -37.72 9.44
C LYS C 118 -6.45 -38.48 8.71
N ILE C 119 -6.22 -38.09 7.46
CA ILE C 119 -5.20 -38.71 6.62
C ILE C 119 -3.81 -38.43 7.18
N ALA C 120 -3.56 -37.16 7.52
CA ALA C 120 -2.28 -36.76 8.08
C ALA C 120 -2.03 -37.44 9.43
N ASP C 121 -3.12 -37.74 10.14
CA ASP C 121 -3.05 -38.41 11.43
C ASP C 121 -2.63 -39.87 11.28
N ARG C 122 -3.12 -40.52 10.23
CA ARG C 122 -2.71 -41.89 9.93
C ARG C 122 -1.22 -41.95 9.68
N ILE C 123 -0.72 -41.08 8.82
CA ILE C 123 0.69 -41.00 8.48
C ILE C 123 1.55 -40.72 9.72
N ALA C 124 0.95 -40.05 10.70
CA ALA C 124 1.66 -39.75 11.94
C ALA C 124 1.93 -41.02 12.74
N LYS C 125 0.87 -41.81 12.93
CA LYS C 125 0.99 -43.07 13.67
C LYS C 125 1.88 -44.04 12.91
N MSE C 126 1.78 -43.99 11.59
CA MSE C 126 2.50 -44.91 10.71
C MSE C 126 4.01 -44.72 10.81
O MSE C 126 4.77 -45.69 10.71
CB MSE C 126 2.03 -44.72 9.27
CG MSE C 126 2.50 -45.78 8.29
SE MSE C 126 1.91 -45.40 6.47
CE MSE C 126 3.00 -43.84 6.10
N GLN C 127 4.46 -43.48 10.99
CA GLN C 127 5.88 -43.18 11.09
C GLN C 127 6.47 -43.59 12.43
N ALA C 128 5.63 -43.62 13.46
CA ALA C 128 6.06 -44.02 14.79
C ALA C 128 6.54 -45.46 14.77
N SER C 129 5.84 -46.28 13.99
CA SER C 129 6.20 -47.69 13.84
C SER C 129 7.44 -47.84 12.96
N LYS C 130 7.71 -46.84 12.13
CA LYS C 130 8.84 -46.88 11.22
C LYS C 130 10.10 -46.24 11.83
N ASN C 131 10.18 -46.27 13.15
CA ASN C 131 11.38 -45.77 13.84
C ASN C 131 12.39 -46.89 14.09
N LYS C 132 11.91 -48.13 13.96
CA LYS C 132 12.76 -49.31 14.16
C LYS C 132 13.85 -49.37 13.09
N THR C 133 13.57 -48.82 11.93
CA THR C 133 14.53 -48.77 10.83
C THR C 133 15.51 -47.62 11.02
N GLU C 134 16.13 -47.56 12.20
CA GLU C 134 17.10 -46.51 12.53
C GLU C 134 18.34 -47.10 13.19
N ILE C 153 11.75 -24.60 14.81
CA ILE C 153 12.38 -24.18 16.05
C ILE C 153 11.44 -24.33 17.24
N GLU C 154 10.54 -23.37 17.40
CA GLU C 154 9.55 -23.44 18.46
C GLU C 154 8.51 -24.51 18.14
N GLU C 155 8.26 -24.71 16.85
CA GLU C 155 7.33 -25.74 16.40
C GLU C 155 7.91 -27.13 16.65
N ASN C 156 9.22 -27.19 16.88
CA ASN C 156 9.89 -28.45 17.15
C ASN C 156 9.98 -28.76 18.64
N GLU C 157 9.72 -27.75 19.46
CA GLU C 157 9.70 -27.93 20.90
C GLU C 157 8.27 -28.17 21.41
N GLU C 158 7.32 -28.20 20.48
CA GLU C 158 5.92 -28.43 20.83
C GLU C 158 5.47 -29.80 20.33
N PHE C 159 4.96 -30.62 21.24
CA PHE C 159 4.60 -31.99 20.92
C PHE C 159 3.17 -32.33 21.33
N VAL C 160 2.62 -33.33 20.66
CA VAL C 160 1.32 -33.87 21.02
C VAL C 160 1.37 -35.40 21.00
N THR C 161 0.67 -36.03 21.92
CA THR C 161 0.63 -37.48 22.01
C THR C 161 -0.72 -38.02 21.56
N LEU C 162 -0.77 -38.55 20.35
CA LEU C 162 -2.01 -39.09 19.78
C LEU C 162 -2.60 -40.19 20.67
N ASP C 163 -3.87 -40.52 20.43
CA ASP C 163 -4.59 -41.49 21.26
C ASP C 163 -3.96 -42.88 21.29
N ASP C 164 -3.08 -43.16 20.33
CA ASP C 164 -2.39 -44.44 20.29
C ASP C 164 -1.12 -44.41 21.13
N GLY C 165 -0.30 -43.38 20.93
CA GLY C 165 0.94 -43.24 21.67
C GLY C 165 1.98 -42.47 20.90
N THR C 166 1.73 -42.24 19.61
CA THR C 166 2.65 -41.50 18.77
C THR C 166 2.82 -40.07 19.28
N THR C 167 4.07 -39.63 19.40
CA THR C 167 4.37 -38.28 19.86
C THR C 167 5.03 -37.46 18.76
N ILE C 168 4.24 -36.63 18.08
CA ILE C 168 4.75 -35.84 16.98
C ILE C 168 4.76 -34.35 17.32
N SER C 169 5.67 -33.62 16.68
CA SER C 169 5.79 -32.18 16.91
C SER C 169 5.07 -31.41 15.80
N ALA C 170 4.74 -30.16 16.08
CA ALA C 170 4.09 -29.31 15.09
C ALA C 170 4.94 -29.20 13.84
N LEU C 171 6.26 -29.20 14.02
CA LEU C 171 7.19 -29.16 12.90
C LEU C 171 7.06 -30.43 12.07
N GLU C 172 7.32 -31.57 12.70
CA GLU C 172 7.21 -32.86 12.05
C GLU C 172 5.85 -32.98 11.37
N TYR C 173 4.81 -32.56 12.06
CA TYR C 173 3.45 -32.66 11.54
C TYR C 173 3.29 -31.80 10.29
N GLU C 174 3.80 -30.57 10.33
CA GLU C 174 3.71 -29.66 9.20
C GLU C 174 4.36 -30.26 7.95
N ARG C 175 5.37 -31.10 8.15
CA ARG C 175 6.02 -31.78 7.03
C ARG C 175 5.09 -32.81 6.40
N ILE C 176 4.20 -33.39 7.21
CA ILE C 176 3.23 -34.35 6.72
C ILE C 176 2.21 -33.68 5.80
N LEU C 177 1.95 -32.40 6.03
CA LEU C 177 0.99 -31.65 5.25
C LEU C 177 1.63 -31.07 4.00
N LYS C 178 2.84 -30.55 4.14
CA LYS C 178 3.53 -29.90 3.03
C LYS C 178 3.95 -30.90 1.97
N GLU C 179 3.89 -32.19 2.31
CA GLU C 179 4.26 -33.24 1.37
C GLU C 179 3.02 -33.91 0.82
N LEU C 180 1.98 -33.97 1.64
CA LEU C 180 0.71 -34.56 1.23
C LEU C 180 -0.01 -33.64 0.24
N ASP C 181 0.47 -32.41 0.13
CA ASP C 181 -0.10 -31.44 -0.79
C ASP C 181 1.01 -30.58 -1.38
N LYS C 182 1.68 -31.10 -2.40
CA LYS C 182 2.85 -30.47 -2.99
C LYS C 182 2.47 -29.31 -3.90
N GLU C 183 1.41 -29.51 -4.70
CA GLU C 183 0.99 -28.51 -5.67
C GLU C 183 0.57 -27.22 -4.98
N ASN C 184 0.13 -27.32 -3.73
CA ASN C 184 -0.25 -26.16 -2.94
C ASN C 184 -1.50 -25.43 -3.42
N LYS C 185 -2.20 -26.00 -4.40
CA LYS C 185 -3.45 -25.40 -4.87
C LYS C 185 -4.62 -25.87 -4.00
N ALA C 186 -4.49 -27.07 -3.43
CA ALA C 186 -5.51 -27.60 -2.55
C ALA C 186 -5.61 -26.77 -1.27
N LEU C 187 -4.47 -26.54 -0.63
CA LEU C 187 -4.40 -25.75 0.59
C LEU C 187 -3.26 -24.74 0.54
N SER C 188 -3.42 -23.62 1.24
CA SER C 188 -2.37 -22.62 1.33
C SER C 188 -1.20 -23.17 2.14
N GLU C 189 -0.03 -22.56 1.98
CA GLU C 189 1.12 -22.95 2.78
C GLU C 189 0.98 -22.36 4.18
N SER C 190 0.43 -21.15 4.24
CA SER C 190 0.13 -20.50 5.51
C SER C 190 -0.90 -21.31 6.29
N ASP C 191 -1.82 -21.94 5.57
CA ASP C 191 -2.88 -22.74 6.18
C ASP C 191 -2.34 -24.02 6.82
N LYS C 192 -1.49 -24.75 6.10
CA LYS C 192 -0.91 -25.98 6.63
C LYS C 192 -0.16 -25.73 7.92
N ARG C 193 0.56 -24.61 7.98
CA ARG C 193 1.28 -24.22 9.18
C ARG C 193 0.30 -23.96 10.31
N LYS C 194 -0.72 -23.16 10.03
CA LYS C 194 -1.72 -22.80 11.02
C LYS C 194 -2.41 -24.02 11.60
N MSE C 195 -2.70 -25.00 10.76
CA MSE C 195 -3.31 -26.24 11.24
C MSE C 195 -2.33 -27.04 12.09
O MSE C 195 -2.71 -27.55 13.15
CB MSE C 195 -3.80 -27.10 10.08
CG MSE C 195 -4.24 -28.49 10.50
SE MSE C 195 -5.34 -29.37 9.16
CE MSE C 195 -7.00 -28.39 9.44
N ALA C 196 -1.08 -27.13 11.65
CA ALA C 196 -0.06 -27.87 12.39
C ALA C 196 0.05 -27.34 13.81
N ILE C 197 0.19 -26.02 13.93
CA ILE C 197 0.30 -25.39 15.23
C ILE C 197 -0.92 -25.63 16.12
N LEU C 198 -2.12 -25.56 15.56
CA LEU C 198 -3.32 -25.81 16.34
C LEU C 198 -3.46 -27.28 16.69
N ARG C 199 -3.11 -28.14 15.74
CA ARG C 199 -3.29 -29.57 15.92
C ARG C 199 -2.46 -30.09 17.09
N ILE C 200 -1.24 -29.57 17.20
CA ILE C 200 -0.31 -29.98 18.25
C ILE C 200 -0.54 -29.24 19.58
N ASN C 201 -0.63 -27.91 19.51
CA ASN C 201 -0.72 -27.08 20.69
C ASN C 201 -2.10 -27.06 21.34
N THR C 202 -3.14 -27.02 20.51
CA THR C 202 -4.50 -26.89 21.03
C THR C 202 -5.49 -27.69 20.18
N PRO C 203 -5.45 -29.02 20.31
CA PRO C 203 -6.32 -29.92 19.56
C PRO C 203 -7.80 -29.60 19.79
N TRP C 204 -8.18 -29.40 21.04
CA TRP C 204 -9.55 -29.05 21.38
C TRP C 204 -10.08 -27.90 20.53
N LEU C 205 -9.17 -27.00 20.12
CA LEU C 205 -9.56 -25.82 19.37
C LEU C 205 -9.75 -26.11 17.88
N LEU C 206 -8.95 -27.02 17.35
CA LEU C 206 -9.09 -27.43 15.97
C LEU C 206 -10.40 -28.18 15.76
N LYS C 207 -10.89 -28.79 16.83
CA LYS C 207 -12.16 -29.50 16.81
C LYS C 207 -13.28 -28.62 16.27
N TYR C 208 -13.28 -27.35 16.66
CA TYR C 208 -14.30 -26.41 16.21
C TYR C 208 -14.21 -26.18 14.70
N VAL C 209 -13.01 -26.29 14.15
CA VAL C 209 -12.81 -26.14 12.71
C VAL C 209 -13.32 -27.34 11.95
N THR C 210 -12.97 -28.53 12.43
CA THR C 210 -13.32 -29.78 11.75
C THR C 210 -14.75 -30.24 12.03
N ASP C 211 -15.27 -29.91 13.20
CA ASP C 211 -16.63 -30.29 13.57
C ASP C 211 -17.64 -29.76 12.55
N GLN C 212 -18.56 -30.63 12.13
CA GLN C 212 -19.52 -30.30 11.09
C GLN C 212 -20.54 -29.24 11.54
N LYS C 213 -20.98 -29.34 12.79
CA LYS C 213 -22.06 -28.48 13.29
C LYS C 213 -21.57 -27.10 13.68
N TYR C 214 -20.32 -26.80 13.32
CA TYR C 214 -19.71 -25.53 13.66
C TYR C 214 -18.97 -24.96 12.46
N LYS C 215 -17.93 -25.67 12.05
CA LYS C 215 -17.09 -25.26 10.93
C LYS C 215 -16.63 -23.82 11.09
N VAL C 216 -15.83 -23.57 12.12
CA VAL C 216 -15.25 -22.25 12.34
C VAL C 216 -14.06 -22.07 11.41
N PRO C 217 -13.97 -20.88 10.78
CA PRO C 217 -12.87 -20.60 9.84
C PRO C 217 -11.51 -20.86 10.49
N LEU C 218 -10.66 -21.63 9.80
CA LEU C 218 -9.34 -21.98 10.32
C LEU C 218 -8.54 -20.76 10.75
N ASP C 219 -8.56 -19.72 9.92
CA ASP C 219 -7.82 -18.49 10.23
C ASP C 219 -8.37 -17.81 11.46
N GLN C 220 -9.70 -17.83 11.60
CA GLN C 220 -10.35 -17.28 12.77
C GLN C 220 -10.01 -18.06 14.03
N ALA C 221 -9.80 -19.37 13.87
CA ALA C 221 -9.42 -20.24 14.99
C ALA C 221 -7.96 -20.03 15.39
N PHE C 222 -7.12 -19.72 14.41
CA PHE C 222 -5.73 -19.44 14.66
C PHE C 222 -5.58 -18.08 15.34
N ARG C 223 -6.30 -17.08 14.82
CA ARG C 223 -6.30 -15.75 15.43
C ARG C 223 -6.67 -15.84 16.91
N ILE C 224 -7.72 -16.58 17.21
CA ILE C 224 -8.15 -16.82 18.59
C ILE C 224 -7.04 -17.48 19.39
N TYR C 225 -6.29 -18.36 18.72
CA TYR C 225 -5.17 -19.03 19.35
C TYR C 225 -4.08 -18.03 19.75
N THR C 226 -3.58 -17.27 18.77
CA THR C 226 -2.55 -16.29 19.06
C THR C 226 -3.03 -15.24 20.08
N ARG C 227 -4.27 -14.79 19.91
CA ARG C 227 -4.86 -13.79 20.81
C ARG C 227 -4.85 -14.23 22.26
N VAL C 228 -5.56 -15.32 22.54
CA VAL C 228 -5.75 -15.77 23.91
C VAL C 228 -4.41 -16.20 24.50
N LYS C 229 -3.55 -16.75 23.65
CA LYS C 229 -2.22 -17.17 24.06
C LYS C 229 -1.38 -15.97 24.48
N ASP C 230 -1.32 -14.96 23.62
CA ASP C 230 -0.52 -13.76 23.89
C ASP C 230 -0.88 -13.13 25.22
N MSE C 231 -2.13 -13.30 25.65
CA MSE C 231 -2.58 -12.71 26.90
C MSE C 231 -2.53 -13.68 28.05
O MSE C 231 -2.86 -13.34 29.18
CB MSE C 231 -4.00 -12.17 26.74
CG MSE C 231 -4.09 -10.94 25.85
SE MSE C 231 -5.93 -10.40 25.70
CE MSE C 231 -6.63 -12.08 25.00
N GLY C 232 -2.10 -14.91 27.77
CA GLY C 232 -1.91 -15.91 28.80
C GLY C 232 -3.19 -16.40 29.45
N ILE C 233 -4.24 -16.54 28.65
CA ILE C 233 -5.51 -17.05 29.16
C ILE C 233 -6.01 -18.26 28.36
N LEU C 234 -5.13 -18.81 27.54
CA LEU C 234 -5.45 -19.95 26.69
C LEU C 234 -6.01 -21.14 27.49
N ASP C 235 -5.34 -21.50 28.58
CA ASP C 235 -5.78 -22.62 29.42
C ASP C 235 -7.13 -22.30 30.05
N LYS C 236 -7.34 -21.03 30.36
CA LYS C 236 -8.58 -20.61 31.00
C LYS C 236 -9.74 -20.77 30.02
N LEU C 237 -9.49 -20.53 28.73
CA LEU C 237 -10.51 -20.72 27.71
C LEU C 237 -10.74 -22.21 27.43
N LYS C 238 -9.67 -22.99 27.47
CA LYS C 238 -9.77 -24.42 27.28
C LYS C 238 -10.68 -25.05 28.34
N ASP C 239 -10.47 -24.67 29.59
CA ASP C 239 -11.21 -25.24 30.70
C ASP C 239 -12.57 -24.58 30.88
N LEU C 240 -12.89 -23.64 29.99
CA LEU C 240 -14.16 -22.92 30.07
C LEU C 240 -15.33 -23.86 29.83
N ALA C 241 -16.40 -23.67 30.59
CA ALA C 241 -17.63 -24.43 30.39
C ALA C 241 -18.11 -24.21 28.96
N PRO C 242 -18.59 -25.29 28.33
CA PRO C 242 -19.07 -25.22 26.93
C PRO C 242 -20.22 -24.23 26.79
N ALA C 243 -20.85 -23.87 27.91
CA ALA C 243 -21.92 -22.88 27.89
C ALA C 243 -21.39 -21.52 27.46
N LEU C 244 -20.16 -21.23 27.86
CA LEU C 244 -19.51 -19.98 27.50
C LEU C 244 -18.60 -20.18 26.30
N ARG C 245 -17.81 -21.24 26.34
CA ARG C 245 -16.81 -21.51 25.31
C ARG C 245 -17.42 -21.66 23.91
N ASP C 246 -18.54 -22.39 23.81
CA ASP C 246 -19.17 -22.64 22.52
C ASP C 246 -19.66 -21.38 21.80
N PRO C 247 -20.55 -20.60 22.44
CA PRO C 247 -21.02 -19.38 21.77
C PRO C 247 -19.90 -18.37 21.54
N LEU C 248 -18.88 -18.40 22.39
CA LEU C 248 -17.75 -17.48 22.30
C LEU C 248 -16.88 -17.77 21.08
N ILE C 249 -16.70 -19.06 20.78
CA ILE C 249 -15.85 -19.48 19.67
C ILE C 249 -16.64 -19.73 18.38
N THR C 250 -17.88 -20.17 18.54
CA THR C 250 -18.71 -20.54 17.39
C THR C 250 -19.08 -19.32 16.55
N THR C 251 -19.93 -18.46 17.11
CA THR C 251 -20.47 -17.33 16.39
C THR C 251 -19.39 -16.28 16.15
N ARG C 252 -19.55 -15.48 15.09
CA ARG C 252 -18.63 -14.40 14.82
C ARG C 252 -18.89 -13.28 15.81
N GLU C 253 -20.07 -13.34 16.44
CA GLU C 253 -20.43 -12.39 17.48
C GLU C 253 -19.58 -12.64 18.72
N GLY C 254 -19.42 -13.91 19.08
CA GLY C 254 -18.59 -14.29 20.21
C GLY C 254 -17.12 -14.05 19.91
N ARG C 255 -16.73 -14.34 18.68
CA ARG C 255 -15.38 -14.09 18.18
C ARG C 255 -14.97 -12.63 18.40
N LYS C 256 -15.87 -11.71 18.11
CA LYS C 256 -15.56 -10.29 18.25
C LYS C 256 -15.09 -9.94 19.67
N ILE C 257 -15.73 -10.56 20.66
CA ILE C 257 -15.37 -10.32 22.05
C ILE C 257 -13.93 -10.72 22.33
N ILE C 258 -13.51 -11.82 21.71
CA ILE C 258 -12.17 -12.37 21.93
C ILE C 258 -11.10 -11.60 21.18
N LEU C 259 -11.39 -11.23 19.94
CA LEU C 259 -10.37 -10.68 19.04
C LEU C 259 -10.34 -9.16 19.03
N ASN C 260 -11.49 -8.54 19.24
CA ASN C 260 -11.60 -7.08 19.20
C ASN C 260 -11.29 -6.46 20.58
N ASP C 261 -10.23 -5.67 20.62
CA ASP C 261 -9.72 -5.11 21.88
C ASP C 261 -10.75 -4.34 22.70
N GLU C 262 -11.67 -3.67 22.02
CA GLU C 262 -12.72 -2.94 22.70
C GLU C 262 -13.48 -3.79 23.72
N TYR C 263 -13.47 -5.10 23.55
CA TYR C 263 -14.24 -5.97 24.43
C TYR C 263 -13.35 -6.79 25.36
N ARG C 264 -12.07 -6.42 25.40
CA ARG C 264 -11.07 -7.06 26.25
C ARG C 264 -11.56 -7.32 27.68
N ASP C 265 -12.21 -6.33 28.28
CA ASP C 265 -12.69 -6.45 29.66
C ASP C 265 -13.87 -7.42 29.77
N LEU C 266 -14.69 -7.47 28.73
CA LEU C 266 -15.83 -8.39 28.70
C LEU C 266 -15.34 -9.82 28.58
N MSE C 267 -14.37 -10.02 27.70
CA MSE C 267 -13.75 -11.33 27.51
C MSE C 267 -13.12 -11.84 28.79
O MSE C 267 -13.27 -13.00 29.14
CB MSE C 267 -12.69 -11.24 26.42
CG MSE C 267 -11.75 -12.43 26.41
SE MSE C 267 -10.08 -12.05 25.48
CE MSE C 267 -9.39 -10.65 26.67
N GLU C 268 -12.38 -10.97 29.47
CA GLU C 268 -11.70 -11.36 30.70
C GLU C 268 -12.72 -11.84 31.72
N LYS C 269 -13.85 -11.16 31.78
CA LYS C 269 -14.90 -11.48 32.74
C LYS C 269 -15.56 -12.80 32.37
N ILE C 270 -15.68 -13.05 31.06
CA ILE C 270 -16.23 -14.31 30.57
C ILE C 270 -15.29 -15.46 30.89
N ILE C 271 -14.05 -15.34 30.42
CA ILE C 271 -13.01 -16.33 30.65
C ILE C 271 -12.79 -16.58 32.14
N SER C 272 -13.07 -15.56 32.94
CA SER C 272 -12.97 -15.67 34.39
C SER C 272 -13.62 -16.94 34.90
C1 CIT D . -21.67 19.52 -6.02
O1 CIT D . -21.30 18.83 -5.04
O2 CIT D . -21.27 19.20 -7.15
C2 CIT D . -22.56 20.73 -5.84
C3 CIT D . -23.67 20.46 -4.80
O7 CIT D . -23.90 19.03 -4.69
C4 CIT D . -24.96 21.11 -5.27
C5 CIT D . -25.54 20.18 -6.29
O3 CIT D . -25.20 20.28 -7.49
O4 CIT D . -26.37 19.28 -5.97
C6 CIT D . -23.25 21.01 -3.45
O5 CIT D . -22.66 20.30 -2.62
O6 CIT D . -23.48 22.21 -3.17
C1 CIT E . 26.41 16.32 -9.46
O1 CIT E . 27.41 16.99 -9.82
O2 CIT E . 26.54 15.09 -9.31
C2 CIT E . 25.08 16.99 -9.23
C3 CIT E . 25.20 18.35 -8.53
O7 CIT E . 26.36 18.38 -7.67
C4 CIT E . 23.90 18.62 -7.78
C5 CIT E . 24.10 18.53 -6.29
O3 CIT E . 23.83 17.47 -5.69
O4 CIT E . 24.49 19.53 -5.65
C6 CIT E . 25.30 19.44 -9.59
O5 CIT E . 26.14 20.37 -9.47
O6 CIT E . 24.54 19.43 -10.57
C1 CIT F . -15.97 -29.52 19.73
O1 CIT F . -14.89 -30.16 19.75
O2 CIT F . -16.65 -29.50 18.69
C2 CIT F . -16.42 -28.79 20.96
C3 CIT F . -16.08 -29.63 22.18
O7 CIT F . -16.35 -31.02 21.90
C4 CIT F . -16.87 -29.17 23.40
C5 CIT F . -18.31 -29.64 23.28
O3 CIT F . -19.19 -28.90 22.78
O4 CIT F . -18.65 -30.78 23.68
C6 CIT F . -14.59 -29.48 22.44
O5 CIT F . -13.88 -30.49 22.63
O6 CIT F . -14.05 -28.35 22.44
C1 CIT G . -14.30 -42.14 -1.50
O1 CIT G . -13.63 -41.17 -1.06
O2 CIT G . -14.41 -43.17 -0.79
C2 CIT G . -14.96 -42.07 -2.85
C3 CIT G . -15.74 -40.77 -3.02
O7 CIT G . -16.20 -40.32 -1.73
C4 CIT G . -16.94 -40.99 -3.92
C5 CIT G . -17.88 -41.93 -3.22
O3 CIT G . -17.75 -43.18 -3.36
O4 CIT G . -18.79 -41.49 -2.50
C6 CIT G . -14.84 -39.71 -3.65
O5 CIT G . -14.81 -38.56 -3.19
O6 CIT G . -14.13 -40.00 -4.63
#